data_6C9D
#
_entry.id   6C9D
#
_cell.length_a   169.993
_cell.length_b   69.578
_cell.length_c   103.999
_cell.angle_alpha   90.000
_cell.angle_beta   124.300
_cell.angle_gamma   90.000
#
_symmetry.space_group_name_H-M   'C 1 2 1'
#
loop_
_entity.id
_entity.type
_entity.pdbx_description
1 polymer 'Serine/threonine-protein kinase MARK1,Serine/threonine-protein kinase MARK1'
2 water water
#
_entity_poly.entity_id   1
_entity_poly.type   'polypeptide(L)'
_entity_poly.pdbx_seq_one_letter_code
;MHHHHHHNSITSATDEQPHIGNYRLQKTIGKGNFAKVKLARHVLTGREVAVKIIDKTQLNPTSLQKLFREVRIMKILNHP
NIVKLFEVIETEKTLYLVMEYASGGEVFDYLVAHGRMKEKEARAKFRQIVSAVQYCHQKYIVHRDLKAENLLLDGDMNIK
IADFGFSNEFTVGNKLDEFCGSPPYAAPELFQGKKYDGPEVDVWSLGVILYTLVSGSLPFDGQNLKELRERVLRGKYRIP
FYMSTDCENLLKKLLVLNPIKRGSLEQIMKDRWMNVGHEEEELKPYTEPDPDFNDTKRIDIMVTMGFARDEINDALINQK
YDEVMATYILLGRKPPEFEGGESLSGEPKERDKEEGKDSKPRSLRFTWSMKTTSSMDPNDMMREIRKVLDANNCDYEQKE
RFLLFCVHGDARQDSLVQWEMEVCSLPSLSLNGVRFKRISGTSIAFKNIASKIANELKL
;
_entity_poly.pdbx_strand_id   A,B
#
# COMPACT_ATOMS: atom_id res chain seq x y z
N GLU A 16 -14.40 0.40 -7.71
CA GLU A 16 -14.41 1.85 -7.69
C GLU A 16 -13.15 2.41 -7.05
N GLN A 17 -12.36 3.13 -7.85
CA GLN A 17 -11.11 3.73 -7.39
C GLN A 17 -10.93 5.24 -7.60
N PRO A 18 -12.02 6.03 -7.66
CA PRO A 18 -11.80 7.46 -7.89
C PRO A 18 -10.98 8.11 -6.78
N HIS A 19 -11.00 7.53 -5.59
CA HIS A 19 -10.23 8.10 -4.49
C HIS A 19 -9.22 7.09 -3.94
N ILE A 20 -8.13 7.61 -3.41
CA ILE A 20 -7.24 6.86 -2.52
C ILE A 20 -6.83 7.83 -1.42
N GLY A 21 -6.97 7.42 -0.16
CA GLY A 21 -6.72 8.37 0.90
C GLY A 21 -7.59 9.60 0.73
N ASN A 22 -6.99 10.78 0.88
CA ASN A 22 -7.67 12.06 0.68
C ASN A 22 -7.49 12.62 -0.72
N TYR A 23 -7.40 11.78 -1.74
CA TYR A 23 -7.09 12.27 -3.08
C TYR A 23 -8.10 11.75 -4.10
N ARG A 24 -8.59 12.64 -4.95
CA ARG A 24 -9.42 12.22 -6.07
C ARG A 24 -8.48 12.05 -7.25
N LEU A 25 -8.37 10.83 -7.76
CA LEU A 25 -7.46 10.55 -8.85
C LEU A 25 -8.06 10.94 -10.20
N GLN A 26 -7.18 11.35 -11.10
CA GLN A 26 -7.60 11.83 -12.40
C GLN A 26 -6.94 10.97 -13.48
N LYS A 27 -6.59 11.58 -14.60
CA LYS A 27 -6.00 10.82 -15.70
C LYS A 27 -4.61 10.29 -15.35
N THR A 28 -4.20 9.27 -16.09
CA THR A 28 -2.83 8.78 -16.05
C THR A 28 -1.91 9.76 -16.78
N ILE A 29 -0.80 10.14 -16.14
CA ILE A 29 0.18 11.05 -16.69
C ILE A 29 1.51 10.37 -16.95
N GLY A 30 1.64 9.11 -16.59
CA GLY A 30 2.87 8.35 -16.70
C GLY A 30 2.58 6.87 -16.51
N LYS A 31 3.32 6.04 -17.22
CA LYS A 31 3.05 4.63 -17.20
C LYS A 31 4.38 3.94 -17.50
N GLY A 32 4.46 2.70 -17.05
CA GLY A 32 5.69 1.96 -17.21
C GLY A 32 5.47 0.49 -16.92
N ASN A 33 6.56 -0.25 -16.93
CA ASN A 33 6.51 -1.70 -16.76
C ASN A 33 5.94 -2.09 -15.38
N PHE A 34 6.24 -1.30 -14.34
CA PHE A 34 5.84 -1.67 -12.99
C PHE A 34 5.24 -0.53 -12.17
N ALA A 35 5.11 0.66 -12.72
CA ALA A 35 4.49 1.75 -11.97
C ALA A 35 3.72 2.61 -12.95
N LYS A 36 2.69 3.24 -12.44
CA LYS A 36 1.89 4.14 -13.25
C LYS A 36 1.56 5.32 -12.36
N VAL A 37 1.52 6.51 -12.95
CA VAL A 37 1.34 7.75 -12.21
C VAL A 37 0.04 8.41 -12.67
N LYS A 38 -0.76 8.85 -11.71
CA LYS A 38 -1.95 9.60 -12.03
C LYS A 38 -1.96 10.95 -11.34
N LEU A 39 -2.57 11.90 -12.04
CA LEU A 39 -2.75 13.23 -11.51
C LEU A 39 -3.92 13.16 -10.54
N ALA A 40 -3.86 13.97 -9.49
CA ALA A 40 -4.92 13.91 -8.49
C ALA A 40 -5.06 15.26 -7.80
N ARG A 41 -6.18 15.43 -7.11
CA ARG A 41 -6.44 16.62 -6.31
C ARG A 41 -6.69 16.23 -4.86
N HIS A 42 -5.95 16.86 -3.94
CA HIS A 42 -6.17 16.66 -2.52
C HIS A 42 -7.51 17.26 -2.09
N VAL A 43 -8.37 16.46 -1.46
CA VAL A 43 -9.76 16.85 -1.24
C VAL A 43 -9.94 17.84 -0.11
N LEU A 44 -8.94 18.03 0.74
CA LEU A 44 -9.02 18.92 1.89
C LEU A 44 -8.45 20.31 1.60
N THR A 45 -7.37 20.37 0.83
CA THR A 45 -6.67 21.59 0.51
C THR A 45 -6.71 22.00 -0.97
N GLY A 46 -7.23 21.14 -1.85
CA GLY A 46 -7.37 21.51 -3.26
C GLY A 46 -6.14 21.38 -4.12
N ARG A 47 -4.96 21.18 -3.54
CA ARG A 47 -3.74 21.13 -4.34
C ARG A 47 -3.72 19.92 -5.27
N GLU A 48 -2.91 20.06 -6.32
CA GLU A 48 -2.72 19.03 -7.32
C GLU A 48 -1.47 18.25 -6.97
N VAL A 49 -1.52 16.94 -7.23
CA VAL A 49 -0.44 16.06 -6.88
C VAL A 49 -0.33 15.03 -7.99
N ALA A 50 0.80 14.34 -7.99
CA ALA A 50 0.99 13.12 -8.78
C ALA A 50 1.04 11.93 -7.83
N VAL A 51 0.31 10.86 -8.17
CA VAL A 51 0.24 9.67 -7.34
C VAL A 51 0.88 8.51 -8.10
N LYS A 52 2.04 8.06 -7.63
CA LYS A 52 2.72 6.89 -8.18
C LYS A 52 2.16 5.62 -7.55
N ILE A 53 1.65 4.72 -8.41
CA ILE A 53 0.91 3.54 -7.97
C ILE A 53 1.76 2.31 -8.23
N ILE A 54 2.27 1.73 -7.15
CA ILE A 54 3.21 0.61 -7.20
C ILE A 54 2.50 -0.64 -6.72
N ASP A 55 2.48 -1.67 -7.55
CA ASP A 55 1.74 -2.87 -7.21
C ASP A 55 2.64 -3.77 -6.39
N LYS A 56 2.21 -4.03 -5.15
CA LYS A 56 3.07 -4.73 -4.20
C LYS A 56 3.19 -6.21 -4.51
N THR A 57 2.32 -6.78 -5.35
CA THR A 57 2.37 -8.22 -5.53
C THR A 57 3.45 -8.70 -6.52
N GLN A 58 3.98 -7.84 -7.40
CA GLN A 58 4.96 -8.29 -8.39
C GLN A 58 6.40 -7.95 -8.00
N LEU A 59 6.72 -7.86 -6.72
CA LEU A 59 8.08 -7.52 -6.34
C LEU A 59 8.78 -8.74 -5.78
N ASN A 60 10.03 -8.86 -6.17
CA ASN A 60 10.93 -9.91 -5.75
C ASN A 60 11.84 -9.29 -4.71
N PRO A 61 12.72 -10.08 -4.09
CA PRO A 61 13.62 -9.52 -3.06
C PRO A 61 14.38 -8.27 -3.48
N THR A 62 14.79 -8.15 -4.74
CA THR A 62 15.60 -7.01 -5.14
C THR A 62 14.74 -5.77 -5.38
N SER A 63 13.62 -5.90 -6.11
CA SER A 63 12.76 -4.74 -6.32
C SER A 63 12.15 -4.24 -5.02
N LEU A 64 11.93 -5.14 -4.05
CA LEU A 64 11.35 -4.65 -2.80
C LEU A 64 12.40 -4.01 -1.91
N GLN A 65 13.68 -4.28 -2.13
CA GLN A 65 14.70 -3.50 -1.44
C GLN A 65 14.84 -2.14 -2.11
N LYS A 66 14.67 -2.05 -3.43
CA LYS A 66 14.70 -0.75 -4.11
C LYS A 66 13.55 0.15 -3.67
N LEU A 67 12.37 -0.43 -3.46
CA LEU A 67 11.23 0.39 -3.06
C LEU A 67 11.37 0.94 -1.65
N PHE A 68 12.05 0.21 -0.75
CA PHE A 68 12.29 0.77 0.58
C PHE A 68 13.33 1.88 0.51
N ARG A 69 14.32 1.68 -0.36
CA ARG A 69 15.32 2.70 -0.59
C ARG A 69 14.72 3.93 -1.27
N GLU A 70 13.72 3.72 -2.14
CA GLU A 70 13.11 4.84 -2.84
C GLU A 70 12.32 5.74 -1.89
N VAL A 71 11.48 5.16 -1.03
CA VAL A 71 10.71 5.99 -0.11
C VAL A 71 11.61 6.62 0.93
N ARG A 72 12.67 5.91 1.35
CA ARG A 72 13.58 6.46 2.35
C ARG A 72 14.33 7.68 1.81
N ILE A 73 14.78 7.60 0.56
CA ILE A 73 15.57 8.66 -0.05
C ILE A 73 14.69 9.88 -0.37
N MET A 74 13.46 9.64 -0.82
CA MET A 74 12.60 10.79 -1.10
C MET A 74 12.19 11.52 0.16
N LYS A 75 12.12 10.82 1.30
CA LYS A 75 11.86 11.46 2.58
C LYS A 75 12.93 12.49 2.97
N ILE A 76 14.13 12.44 2.42
CA ILE A 76 15.20 13.32 2.87
C ILE A 76 15.69 14.31 1.82
N LEU A 77 15.12 14.34 0.62
CA LEU A 77 15.57 15.36 -0.35
C LEU A 77 14.58 16.52 -0.37
N ASN A 78 15.14 17.71 -0.33
CA ASN A 78 14.38 18.96 -0.24
C ASN A 78 15.14 19.97 -1.13
N HIS A 79 14.89 19.91 -2.44
CA HIS A 79 15.54 20.82 -3.37
C HIS A 79 14.52 21.30 -4.39
N PRO A 80 14.57 22.56 -4.80
CA PRO A 80 13.51 23.11 -5.68
C PRO A 80 13.45 22.48 -7.09
N ASN A 81 14.47 21.72 -7.51
CA ASN A 81 14.41 20.97 -8.76
C ASN A 81 14.45 19.46 -8.56
N ILE A 82 13.87 18.97 -7.47
CA ILE A 82 13.68 17.55 -7.25
C ILE A 82 12.24 17.32 -6.80
N VAL A 83 11.54 16.37 -7.43
CA VAL A 83 10.17 16.09 -7.05
C VAL A 83 10.09 15.78 -5.56
N LYS A 84 9.16 16.44 -4.88
CA LYS A 84 8.98 16.31 -3.45
C LYS A 84 7.90 15.32 -3.07
N LEU A 85 8.15 14.55 -2.02
CA LEU A 85 7.17 13.57 -1.53
C LEU A 85 6.14 14.24 -0.64
N PHE A 86 4.87 13.85 -0.73
CA PHE A 86 3.89 14.48 0.16
C PHE A 86 3.29 13.53 1.19
N GLU A 87 2.94 12.30 0.79
CA GLU A 87 2.24 11.35 1.64
C GLU A 87 2.58 9.97 1.12
N VAL A 88 2.63 8.99 2.03
CA VAL A 88 2.72 7.61 1.60
C VAL A 88 1.50 6.90 2.18
N ILE A 89 0.75 6.25 1.29
CA ILE A 89 -0.47 5.51 1.64
C ILE A 89 -0.24 4.06 1.25
N GLU A 90 -0.58 3.13 2.15
CA GLU A 90 -0.36 1.71 1.89
C GLU A 90 -1.67 0.93 1.98
N THR A 91 -1.73 -0.11 1.16
CA THR A 91 -2.67 -1.20 1.30
C THR A 91 -1.88 -2.50 1.29
N GLU A 92 -2.60 -3.62 1.35
CA GLU A 92 -1.91 -4.89 1.38
C GLU A 92 -1.18 -5.14 0.08
N LYS A 93 -1.84 -4.87 -1.04
CA LYS A 93 -1.28 -5.12 -2.36
C LYS A 93 -0.77 -3.95 -3.19
N THR A 94 -0.87 -2.74 -2.68
CA THR A 94 -0.49 -1.56 -3.45
C THR A 94 0.09 -0.51 -2.53
N LEU A 95 1.16 0.15 -3.01
CA LEU A 95 1.78 1.29 -2.35
C LEU A 95 1.59 2.56 -3.19
N TYR A 96 1.25 3.67 -2.53
CA TYR A 96 0.99 4.96 -3.17
C TYR A 96 1.95 6.02 -2.65
N LEU A 97 2.71 6.63 -3.56
CA LEU A 97 3.59 7.76 -3.23
C LEU A 97 2.95 9.00 -3.82
N VAL A 98 2.47 9.88 -2.98
CA VAL A 98 1.92 11.16 -3.40
C VAL A 98 3.03 12.18 -3.43
N MET A 99 3.20 12.86 -4.57
CA MET A 99 4.38 13.67 -4.85
C MET A 99 4.01 14.89 -5.69
N GLU A 100 5.01 15.75 -5.88
CA GLU A 100 4.83 16.99 -6.63
C GLU A 100 4.54 16.71 -8.12
N TYR A 101 3.52 17.36 -8.65
CA TYR A 101 3.12 17.24 -10.04
C TYR A 101 3.90 18.24 -10.90
N ALA A 102 4.64 17.72 -11.88
CA ALA A 102 5.40 18.55 -12.82
C ALA A 102 4.55 18.63 -14.09
N SER A 103 3.91 19.77 -14.29
CA SER A 103 2.87 19.90 -15.30
C SER A 103 3.40 20.36 -16.65
N GLY A 104 4.68 20.68 -16.77
CA GLY A 104 5.18 21.21 -18.01
C GLY A 104 5.79 20.21 -18.94
N GLY A 105 5.77 18.91 -18.60
CA GLY A 105 6.33 17.91 -19.48
C GLY A 105 7.72 17.46 -19.11
N GLU A 106 8.51 17.15 -20.13
CA GLU A 106 9.88 16.69 -19.95
C GLU A 106 10.82 17.54 -20.77
N VAL A 107 12.09 17.54 -20.40
CA VAL A 107 13.05 18.43 -21.00
C VAL A 107 13.29 18.08 -22.46
N PHE A 108 13.04 16.84 -22.86
CA PHE A 108 13.20 16.50 -24.28
C PHE A 108 12.07 17.04 -25.15
N ASP A 109 11.05 17.66 -24.56
CA ASP A 109 10.01 18.27 -25.37
C ASP A 109 10.58 19.36 -26.26
N TYR A 110 11.62 20.04 -25.80
CA TYR A 110 12.31 21.06 -26.61
C TYR A 110 12.90 20.45 -27.87
N LEU A 111 13.38 19.20 -27.78
CA LEU A 111 13.96 18.54 -28.94
C LEU A 111 12.90 17.99 -29.88
N VAL A 112 11.74 17.62 -29.37
CA VAL A 112 10.64 17.21 -30.24
C VAL A 112 10.12 18.40 -31.01
N ALA A 113 9.91 19.52 -30.31
CA ALA A 113 9.30 20.71 -30.89
C ALA A 113 10.26 21.46 -31.81
N HIS A 114 11.53 21.57 -31.41
CA HIS A 114 12.46 22.53 -31.99
C HIS A 114 13.77 21.91 -32.45
N GLY A 115 13.97 20.61 -32.25
CA GLY A 115 15.26 19.98 -32.48
C GLY A 115 16.31 20.42 -31.45
N ARG A 116 17.55 20.09 -31.76
CA ARG A 116 18.68 20.47 -30.93
C ARG A 116 18.51 21.85 -30.29
N MET A 117 18.81 21.96 -29.00
CA MET A 117 18.62 23.20 -28.26
C MET A 117 19.83 24.14 -28.34
N LYS A 118 19.55 25.43 -28.21
CA LYS A 118 20.62 26.41 -28.11
C LYS A 118 21.36 26.24 -26.79
N GLU A 119 22.69 26.34 -26.86
CA GLU A 119 23.50 26.20 -25.64
C GLU A 119 23.07 27.15 -24.53
N LYS A 120 22.60 28.36 -24.85
CA LYS A 120 22.18 29.25 -23.77
C LYS A 120 20.89 28.75 -23.12
N GLU A 121 20.04 28.04 -23.87
CA GLU A 121 18.83 27.48 -23.28
CA GLU A 121 18.84 27.47 -23.27
C GLU A 121 19.12 26.15 -22.58
N ALA A 122 19.96 25.32 -23.18
CA ALA A 122 20.40 24.09 -22.53
C ALA A 122 21.08 24.40 -21.21
N ARG A 123 21.85 25.48 -21.16
CA ARG A 123 22.55 25.86 -19.94
C ARG A 123 21.57 26.21 -18.83
N ALA A 124 20.45 26.86 -19.17
CA ALA A 124 19.49 27.20 -18.13
C ALA A 124 18.98 25.94 -17.42
N LYS A 125 18.65 24.89 -18.18
CA LYS A 125 18.18 23.65 -17.56
C LYS A 125 19.35 22.88 -16.95
N PHE A 126 20.49 22.81 -17.65
CA PHE A 126 21.61 22.02 -17.11
C PHE A 126 22.18 22.62 -15.82
N ARG A 127 21.97 23.92 -15.56
CA ARG A 127 22.39 24.46 -14.27
C ARG A 127 21.50 23.95 -13.15
N GLN A 128 20.20 23.81 -13.42
CA GLN A 128 19.28 23.25 -12.43
C GLN A 128 19.49 21.74 -12.25
N ILE A 129 19.78 21.03 -13.33
CA ILE A 129 20.00 19.58 -13.24
C ILE A 129 21.23 19.29 -12.38
N VAL A 130 22.33 19.98 -12.67
CA VAL A 130 23.55 19.75 -11.91
C VAL A 130 23.38 20.21 -10.46
N SER A 131 22.63 21.30 -10.23
CA SER A 131 22.39 21.72 -8.86
C SER A 131 21.65 20.63 -8.09
N ALA A 132 20.59 20.09 -8.68
CA ALA A 132 19.85 19.02 -8.01
C ALA A 132 20.74 17.81 -7.78
N VAL A 133 21.41 17.35 -8.84
CA VAL A 133 22.16 16.09 -8.76
C VAL A 133 23.32 16.21 -7.78
N GLN A 134 23.95 17.39 -7.71
CA GLN A 134 25.03 17.56 -6.76
C GLN A 134 24.51 17.67 -5.33
N TYR A 135 23.32 18.24 -5.14
CA TYR A 135 22.68 18.24 -3.82
C TYR A 135 22.45 16.81 -3.34
N CYS A 136 22.07 15.92 -4.27
CA CYS A 136 21.95 14.51 -3.90
C CYS A 136 23.29 13.92 -3.48
N HIS A 137 24.32 14.14 -4.30
CA HIS A 137 25.63 13.59 -3.99
C HIS A 137 26.19 14.18 -2.70
N GLN A 138 25.68 15.35 -2.26
CA GLN A 138 26.15 15.91 -0.99
C GLN A 138 25.48 15.21 0.21
N LYS A 139 24.28 14.68 0.03
CA LYS A 139 23.64 13.81 1.00
C LYS A 139 23.91 12.34 0.73
N TYR A 140 25.04 12.05 0.08
CA TYR A 140 25.49 10.68 -0.24
C TYR A 140 24.37 9.84 -0.85
N ILE A 141 23.72 10.40 -1.86
CA ILE A 141 22.69 9.72 -2.64
C ILE A 141 23.11 9.75 -4.11
N VAL A 142 23.03 8.60 -4.77
CA VAL A 142 23.23 8.48 -6.21
C VAL A 142 21.90 8.07 -6.83
N HIS A 143 21.61 8.65 -8.01
CA HIS A 143 20.33 8.40 -8.65
C HIS A 143 20.37 7.13 -9.48
N ARG A 144 21.37 7.02 -10.38
CA ARG A 144 21.65 5.86 -11.22
C ARG A 144 20.62 5.64 -12.34
N ASP A 145 19.66 6.54 -12.50
CA ASP A 145 18.71 6.46 -13.62
C ASP A 145 18.51 7.85 -14.21
N LEU A 146 19.58 8.64 -14.27
CA LEU A 146 19.47 9.99 -14.79
C LEU A 146 19.37 9.90 -16.32
N LYS A 147 18.15 9.63 -16.76
CA LYS A 147 17.82 9.50 -18.16
C LYS A 147 16.76 10.57 -18.46
N ALA A 148 16.52 10.80 -19.76
CA ALA A 148 15.68 11.93 -20.18
C ALA A 148 14.29 11.84 -19.59
N GLU A 149 13.70 10.63 -19.61
CA GLU A 149 12.36 10.44 -19.08
C GLU A 149 12.22 10.95 -17.64
N ASN A 150 13.33 11.06 -16.91
CA ASN A 150 13.30 11.51 -15.52
C ASN A 150 13.66 12.96 -15.34
N LEU A 151 13.73 13.74 -16.41
CA LEU A 151 13.94 15.18 -16.26
C LEU A 151 12.66 15.84 -16.74
N LEU A 152 11.79 16.10 -15.78
CA LEU A 152 10.48 16.68 -16.02
C LEU A 152 10.56 18.18 -15.85
N LEU A 153 9.47 18.87 -16.18
CA LEU A 153 9.43 20.31 -16.01
C LEU A 153 8.11 20.70 -15.37
N ASP A 154 8.15 21.71 -14.51
CA ASP A 154 6.93 22.16 -13.87
C ASP A 154 6.21 23.14 -14.80
N GLY A 155 5.25 23.89 -14.26
CA GLY A 155 4.50 24.85 -15.05
C GLY A 155 5.32 26.03 -15.55
N ASP A 156 6.44 26.35 -14.89
CA ASP A 156 7.34 27.42 -15.31
C ASP A 156 8.55 26.88 -16.06
N MET A 157 8.48 25.63 -16.52
CA MET A 157 9.58 24.95 -17.24
C MET A 157 10.87 24.90 -16.42
N ASN A 158 10.73 24.71 -15.10
CA ASN A 158 11.87 24.43 -14.24
C ASN A 158 12.07 22.93 -14.12
N ILE A 159 13.34 22.52 -14.07
CA ILE A 159 13.68 21.10 -14.02
C ILE A 159 13.14 20.49 -12.72
N LYS A 160 12.56 19.30 -12.85
CA LYS A 160 12.02 18.57 -11.70
C LYS A 160 12.45 17.13 -11.90
N ILE A 161 13.51 16.72 -11.20
CA ILE A 161 14.05 15.37 -11.36
C ILE A 161 13.17 14.38 -10.61
N ALA A 162 12.86 13.28 -11.26
CA ALA A 162 11.86 12.35 -10.74
C ALA A 162 12.39 10.91 -10.74
N ASP A 163 11.55 10.05 -10.18
CA ASP A 163 11.70 8.59 -10.11
C ASP A 163 13.04 8.06 -9.54
N PHE A 164 13.19 8.26 -8.22
CA PHE A 164 14.31 7.67 -7.49
C PHE A 164 14.21 6.18 -7.19
N GLY A 165 13.47 5.43 -8.02
CA GLY A 165 13.28 4.00 -7.79
C GLY A 165 14.56 3.18 -7.82
N PHE A 166 15.47 3.53 -8.73
CA PHE A 166 16.75 2.84 -8.84
C PHE A 166 17.83 3.48 -7.97
N SER A 167 17.43 4.38 -7.07
CA SER A 167 18.39 5.16 -6.32
C SER A 167 18.88 4.41 -5.09
N ASN A 168 19.99 4.90 -4.54
CA ASN A 168 20.59 4.32 -3.36
C ASN A 168 21.59 5.28 -2.75
N GLU A 169 21.96 4.98 -1.51
CA GLU A 169 22.92 5.75 -0.76
C GLU A 169 24.28 5.09 -0.93
N PHE A 170 25.32 5.91 -0.80
CA PHE A 170 26.68 5.44 -0.92
C PHE A 170 27.45 5.98 0.27
N THR A 171 28.52 5.28 0.61
CA THR A 171 29.35 5.67 1.75
C THR A 171 30.79 5.50 1.32
N VAL A 172 31.60 6.53 1.56
CA VAL A 172 33.03 6.45 1.28
C VAL A 172 33.59 5.23 2.00
N GLY A 173 34.21 4.34 1.24
CA GLY A 173 34.74 3.10 1.77
C GLY A 173 33.99 1.88 1.30
N ASN A 174 32.72 2.05 0.91
CA ASN A 174 31.88 0.98 0.39
C ASN A 174 31.49 1.27 -1.06
N LYS A 175 31.19 0.19 -1.79
CA LYS A 175 30.97 0.24 -3.23
C LYS A 175 29.68 -0.52 -3.55
N LEU A 176 29.03 -0.08 -4.62
CA LEU A 176 27.83 -0.73 -5.14
C LEU A 176 28.18 -1.63 -6.32
N ASP A 177 27.24 -2.53 -6.62
CA ASP A 177 27.40 -3.48 -7.73
C ASP A 177 26.16 -3.58 -8.61
N GLU A 178 25.04 -2.96 -8.26
CA GLU A 178 23.85 -3.11 -9.09
C GLU A 178 23.98 -2.27 -10.35
N PHE A 179 23.31 -2.75 -11.39
CA PHE A 179 23.22 -2.05 -12.65
C PHE A 179 21.72 -1.99 -12.87
N CYS A 180 21.13 -0.80 -12.79
CA CYS A 180 19.69 -0.69 -12.91
C CYS A 180 19.21 0.27 -14.01
N GLY A 181 19.99 1.28 -14.35
CA GLY A 181 19.54 2.32 -15.25
C GLY A 181 19.48 1.90 -16.72
N SER A 182 19.18 2.90 -17.55
CA SER A 182 19.06 2.69 -18.99
C SER A 182 20.44 2.49 -19.64
N PRO A 183 20.55 1.60 -20.61
CA PRO A 183 21.86 1.33 -21.22
C PRO A 183 22.46 2.57 -21.88
N PRO A 184 21.71 3.34 -22.69
CA PRO A 184 22.35 4.49 -23.35
C PRO A 184 22.93 5.53 -22.42
N TYR A 185 22.46 5.63 -21.18
CA TYR A 185 22.98 6.62 -20.26
C TYR A 185 23.98 6.05 -19.27
N ALA A 186 24.36 4.78 -19.41
CA ALA A 186 25.08 4.05 -18.38
C ALA A 186 26.59 4.19 -18.55
N ALA A 187 27.27 4.54 -17.46
CA ALA A 187 28.72 4.67 -17.50
C ALA A 187 29.34 3.34 -17.92
N PRO A 188 30.55 3.37 -18.49
CA PRO A 188 31.14 2.12 -18.98
C PRO A 188 31.48 1.11 -17.89
N GLU A 189 31.77 1.56 -16.65
CA GLU A 189 31.98 0.60 -15.56
C GLU A 189 30.79 -0.35 -15.45
N LEU A 190 29.58 0.19 -15.58
CA LEU A 190 28.38 -0.65 -15.48
C LEU A 190 28.36 -1.75 -16.53
N PHE A 191 28.66 -1.40 -17.78
CA PHE A 191 28.68 -2.37 -18.88
C PHE A 191 29.69 -3.49 -18.67
N GLN A 192 30.59 -3.37 -17.69
CA GLN A 192 31.64 -4.34 -17.49
C GLN A 192 31.45 -5.16 -16.22
N GLY A 193 30.34 -4.96 -15.52
CA GLY A 193 30.07 -5.62 -14.26
C GLY A 193 30.96 -5.17 -13.13
N LYS A 194 31.58 -3.99 -13.27
CA LYS A 194 32.60 -3.56 -12.32
C LYS A 194 31.99 -2.81 -11.15
N LYS A 195 32.43 -3.16 -9.94
CA LYS A 195 32.02 -2.47 -8.73
C LYS A 195 32.39 -1.00 -8.83
N TYR A 196 31.41 -0.14 -8.55
CA TYR A 196 31.59 1.30 -8.71
C TYR A 196 31.43 2.03 -7.37
N ASP A 197 31.96 3.25 -7.35
CA ASP A 197 31.94 4.12 -6.18
C ASP A 197 30.61 4.86 -6.01
N GLY A 198 29.81 5.01 -7.07
CA GLY A 198 28.59 5.76 -6.93
C GLY A 198 28.50 6.97 -7.82
N PRO A 199 28.62 8.17 -7.21
CA PRO A 199 28.29 9.42 -7.88
C PRO A 199 28.94 9.64 -9.24
N GLU A 200 29.98 8.85 -9.55
CA GLU A 200 30.62 9.00 -10.85
CA GLU A 200 30.64 8.94 -10.85
C GLU A 200 29.76 8.44 -11.98
N VAL A 201 28.80 7.55 -11.69
CA VAL A 201 28.00 7.03 -12.79
C VAL A 201 26.91 8.02 -13.18
N ASP A 202 26.52 8.92 -12.26
CA ASP A 202 25.62 10.01 -12.65
C ASP A 202 26.36 11.08 -13.44
N VAL A 203 27.62 11.35 -13.08
CA VAL A 203 28.36 12.38 -13.81
C VAL A 203 28.55 11.95 -15.25
N TRP A 204 28.83 10.67 -15.48
CA TRP A 204 28.82 10.15 -16.84
C TRP A 204 27.47 10.37 -17.49
N SER A 205 26.41 10.03 -16.77
CA SER A 205 25.07 10.00 -17.35
C SER A 205 24.59 11.42 -17.65
N LEU A 206 25.07 12.41 -16.88
CA LEU A 206 24.74 13.80 -17.18
C LEU A 206 25.49 14.29 -18.42
N GLY A 207 26.67 13.74 -18.69
CA GLY A 207 27.32 14.05 -19.95
C GLY A 207 26.53 13.54 -21.13
N VAL A 208 25.89 12.38 -20.99
CA VAL A 208 25.03 11.88 -22.05
C VAL A 208 23.82 12.79 -22.23
N ILE A 209 23.32 13.36 -21.15
CA ILE A 209 22.15 14.24 -21.26
C ILE A 209 22.52 15.54 -21.96
N LEU A 210 23.63 16.15 -21.56
CA LEU A 210 23.99 17.45 -22.13
C LEU A 210 24.36 17.31 -23.59
N TYR A 211 25.12 16.26 -23.94
CA TYR A 211 25.39 15.99 -25.35
C TYR A 211 24.10 15.86 -26.15
N THR A 212 23.07 15.27 -25.55
CA THR A 212 21.84 15.03 -26.30
C THR A 212 21.01 16.28 -26.43
N LEU A 213 21.06 17.16 -25.43
CA LEU A 213 20.25 18.38 -25.51
C LEU A 213 20.85 19.37 -26.51
N VAL A 214 22.17 19.48 -26.57
CA VAL A 214 22.77 20.45 -27.48
C VAL A 214 23.03 19.91 -28.87
N SER A 215 22.92 18.59 -29.07
CA SER A 215 23.13 18.01 -30.37
C SER A 215 21.92 17.28 -30.92
N GLY A 216 20.87 17.07 -30.14
CA GLY A 216 19.69 16.46 -30.67
C GLY A 216 19.66 14.94 -30.62
N SER A 217 20.79 14.28 -30.39
CA SER A 217 20.79 12.82 -30.35
C SER A 217 21.85 12.29 -29.39
N LEU A 218 21.72 11.01 -29.06
CA LEU A 218 22.54 10.41 -28.03
C LEU A 218 23.98 10.28 -28.50
N PRO A 219 24.95 10.35 -27.58
CA PRO A 219 26.35 10.26 -27.99
C PRO A 219 26.74 8.87 -28.43
N PHE A 220 26.13 7.84 -27.86
CA PHE A 220 26.43 6.47 -28.19
C PHE A 220 25.16 5.77 -28.62
N ASP A 221 25.24 5.08 -29.76
CA ASP A 221 24.12 4.27 -30.21
C ASP A 221 24.62 3.22 -31.17
N GLY A 222 24.07 2.00 -31.01
CA GLY A 222 24.26 0.93 -31.95
C GLY A 222 22.93 0.26 -32.20
N GLN A 223 22.87 -0.55 -33.25
CA GLN A 223 21.62 -1.19 -33.60
C GLN A 223 21.29 -2.41 -32.72
N ASN A 224 22.10 -2.64 -31.67
CA ASN A 224 21.91 -3.73 -30.71
C ASN A 224 22.70 -3.38 -29.46
N LEU A 225 22.48 -4.14 -28.38
CA LEU A 225 23.17 -3.79 -27.14
C LEU A 225 24.66 -4.05 -27.25
N LYS A 226 25.07 -5.08 -28.01
CA LYS A 226 26.51 -5.34 -28.12
C LYS A 226 27.20 -4.18 -28.82
N GLU A 227 26.58 -3.61 -29.85
CA GLU A 227 27.13 -2.44 -30.52
C GLU A 227 27.03 -1.19 -29.63
N LEU A 228 25.93 -1.05 -28.89
CA LEU A 228 25.84 0.09 -27.98
C LEU A 228 26.91 -0.02 -26.91
N ARG A 229 27.14 -1.23 -26.40
CA ARG A 229 28.18 -1.44 -25.42
C ARG A 229 29.56 -1.11 -25.98
N GLU A 230 29.85 -1.58 -27.19
CA GLU A 230 31.16 -1.36 -27.77
C GLU A 230 31.42 0.13 -27.99
N ARG A 231 30.44 0.85 -28.54
CA ARG A 231 30.63 2.28 -28.74
C ARG A 231 30.80 3.00 -27.41
N VAL A 232 30.02 2.62 -26.38
CA VAL A 232 30.12 3.27 -25.06
C VAL A 232 31.50 3.07 -24.45
N LEU A 233 32.07 1.87 -24.60
CA LEU A 233 33.35 1.60 -23.95
C LEU A 233 34.51 2.33 -24.63
N ARG A 234 34.40 2.59 -25.94
CA ARG A 234 35.44 3.39 -26.59
C ARG A 234 35.31 4.88 -26.29
N GLY A 235 34.10 5.35 -25.98
CA GLY A 235 33.95 6.69 -25.47
C GLY A 235 34.17 7.80 -26.46
N LYS A 236 33.97 7.54 -27.74
CA LYS A 236 34.16 8.58 -28.75
C LYS A 236 32.81 8.96 -29.32
N TYR A 237 32.57 10.27 -29.38
CA TYR A 237 31.30 10.79 -29.85
C TYR A 237 31.61 11.82 -30.92
N ARG A 238 30.58 12.19 -31.67
CA ARG A 238 30.75 13.08 -32.81
C ARG A 238 30.70 14.52 -32.31
N ILE A 239 31.68 15.33 -32.73
CA ILE A 239 31.73 16.74 -32.38
C ILE A 239 31.15 17.52 -33.55
N PRO A 240 29.93 18.06 -33.42
CA PRO A 240 29.30 18.74 -34.55
C PRO A 240 29.97 20.08 -34.82
N PHE A 241 29.73 20.63 -36.02
CA PHE A 241 30.34 21.91 -36.37
C PHE A 241 29.85 23.04 -35.47
N TYR A 242 28.58 22.99 -35.05
CA TYR A 242 27.96 24.06 -34.26
C TYR A 242 28.31 24.02 -32.78
N MET A 243 29.15 23.09 -32.33
CA MET A 243 29.38 22.96 -30.90
C MET A 243 30.59 23.80 -30.49
N SER A 244 30.41 24.61 -29.44
CA SER A 244 31.46 25.46 -28.91
C SER A 244 32.57 24.66 -28.22
N THR A 245 33.79 25.18 -28.33
CA THR A 245 34.91 24.67 -27.53
C THR A 245 34.53 24.52 -26.05
N ASP A 246 33.83 25.51 -25.49
CA ASP A 246 33.49 25.47 -24.08
C ASP A 246 32.68 24.23 -23.74
N CYS A 247 31.65 23.95 -24.55
CA CYS A 247 30.83 22.78 -24.34
C CYS A 247 31.64 21.49 -24.55
N GLU A 248 32.52 21.48 -25.55
CA GLU A 248 33.32 20.27 -25.81
C GLU A 248 34.37 20.03 -24.72
N ASN A 249 34.82 21.08 -24.04
CA ASN A 249 35.75 20.92 -22.92
C ASN A 249 35.05 20.45 -21.67
N LEU A 250 33.77 20.77 -21.53
CA LEU A 250 33.00 20.30 -20.39
C LEU A 250 32.68 18.81 -20.52
N LEU A 251 32.30 18.36 -21.72
CA LEU A 251 32.05 16.94 -21.93
C LEU A 251 33.33 16.12 -21.75
N LYS A 252 34.50 16.74 -21.94
CA LYS A 252 35.76 16.09 -21.58
C LYS A 252 35.97 16.02 -20.07
N LYS A 253 35.02 16.53 -19.30
CA LYS A 253 34.98 16.35 -17.86
C LYS A 253 33.88 15.40 -17.41
N LEU A 254 32.83 15.23 -18.22
CA LEU A 254 31.71 14.35 -17.89
C LEU A 254 31.90 12.97 -18.50
N LEU A 255 32.19 12.90 -19.80
CA LEU A 255 32.37 11.60 -20.45
C LEU A 255 33.84 11.17 -20.48
N VAL A 256 34.41 11.02 -19.29
CA VAL A 256 35.75 10.47 -19.14
C VAL A 256 35.60 8.97 -18.89
N LEU A 257 36.33 8.15 -19.64
CA LEU A 257 36.13 6.71 -19.51
C LEU A 257 36.55 6.18 -18.14
N ASN A 258 37.58 6.75 -17.54
CA ASN A 258 38.07 6.23 -16.27
C ASN A 258 37.38 6.99 -15.15
N PRO A 259 36.67 6.30 -14.24
CA PRO A 259 35.78 7.02 -13.30
C PRO A 259 36.52 7.92 -12.32
N ILE A 260 37.78 7.61 -12.06
CA ILE A 260 38.60 8.41 -11.17
C ILE A 260 38.92 9.75 -11.80
N LYS A 261 39.13 9.77 -13.12
CA LYS A 261 39.46 11.00 -13.81
C LYS A 261 38.26 11.88 -14.07
N ARG A 262 37.04 11.37 -13.94
CA ARG A 262 35.88 12.22 -14.12
C ARG A 262 35.79 13.25 -13.01
N GLY A 263 35.38 14.45 -13.37
CA GLY A 263 35.18 15.48 -12.38
C GLY A 263 34.09 15.10 -11.41
N SER A 264 34.16 15.72 -10.24
CA SER A 264 33.02 15.68 -9.34
C SER A 264 32.17 16.91 -9.62
N LEU A 265 30.88 16.81 -9.30
CA LEU A 265 30.00 17.91 -9.65
C LEU A 265 30.39 19.21 -8.98
N GLU A 266 31.08 19.18 -7.83
CA GLU A 266 31.59 20.41 -7.24
C GLU A 266 32.54 21.13 -8.21
N GLN A 267 33.45 20.40 -8.86
CA GLN A 267 34.29 21.00 -9.89
C GLN A 267 33.46 21.43 -11.09
N ILE A 268 32.52 20.57 -11.50
CA ILE A 268 31.72 20.85 -12.68
C ILE A 268 31.02 22.20 -12.54
N MET A 269 30.58 22.53 -11.34
CA MET A 269 29.84 23.75 -11.13
C MET A 269 30.66 24.97 -11.49
N LYS A 270 31.97 24.84 -11.39
CA LYS A 270 32.88 25.94 -11.65
C LYS A 270 33.52 25.83 -13.03
N ASP A 271 32.80 25.22 -13.97
CA ASP A 271 33.28 25.05 -15.33
C ASP A 271 32.84 26.25 -16.15
N ARG A 272 33.70 26.64 -17.10
CA ARG A 272 33.42 27.83 -17.90
C ARG A 272 32.04 27.76 -18.53
N TRP A 273 31.75 26.67 -19.25
CA TRP A 273 30.50 26.60 -20.00
C TRP A 273 29.28 26.72 -19.09
N MET A 274 29.36 26.20 -17.85
CA MET A 274 28.14 26.26 -17.05
C MET A 274 27.90 27.64 -16.48
N ASN A 275 28.81 28.61 -16.70
CA ASN A 275 28.64 29.92 -16.09
C ASN A 275 28.74 31.10 -17.05
N VAL A 276 28.88 30.86 -18.37
CA VAL A 276 28.74 31.94 -19.33
C VAL A 276 27.32 32.51 -19.25
N GLY A 277 27.23 33.84 -19.15
CA GLY A 277 25.97 34.51 -18.86
C GLY A 277 25.65 34.58 -17.38
N HIS A 278 26.51 34.00 -16.54
CA HIS A 278 26.33 34.01 -15.08
C HIS A 278 27.68 34.31 -14.42
N GLU A 279 28.27 35.44 -14.78
CA GLU A 279 29.61 35.75 -14.28
C GLU A 279 29.57 36.19 -12.81
N GLU A 280 28.56 36.98 -12.44
CA GLU A 280 28.33 37.31 -11.04
C GLU A 280 27.95 36.06 -10.25
N GLU A 281 26.79 35.50 -10.55
CA GLU A 281 26.26 34.38 -9.79
C GLU A 281 26.81 33.09 -10.38
N GLU A 282 27.93 32.63 -9.83
CA GLU A 282 28.47 31.36 -10.25
C GLU A 282 27.67 30.26 -9.58
N LEU A 283 27.66 29.09 -10.21
CA LEU A 283 26.87 27.97 -9.68
C LEU A 283 27.58 27.42 -8.44
N LYS A 284 26.91 27.50 -7.30
CA LYS A 284 27.42 27.06 -6.02
C LYS A 284 26.55 25.94 -5.47
N PRO A 285 27.09 25.07 -4.63
CA PRO A 285 26.27 23.99 -4.05
C PRO A 285 25.08 24.54 -3.28
N TYR A 286 23.91 23.98 -3.57
CA TYR A 286 22.70 24.41 -2.89
C TYR A 286 22.72 23.98 -1.43
N THR A 287 22.33 24.89 -0.55
CA THR A 287 22.30 24.67 0.90
C THR A 287 20.85 24.57 1.32
N GLU A 288 20.50 23.44 1.94
CA GLU A 288 19.11 23.17 2.26
C GLU A 288 18.55 24.21 3.22
N PRO A 289 17.27 24.58 3.08
CA PRO A 289 16.68 25.53 4.02
C PRO A 289 16.46 24.91 5.38
N ASP A 290 15.97 25.68 6.27
CA ASP A 290 15.79 25.00 7.54
C ASP A 290 14.40 24.40 7.62
N PRO A 291 14.29 23.23 8.24
CA PRO A 291 12.99 22.56 8.37
C PRO A 291 12.00 23.48 9.05
N ASP A 292 10.90 23.78 8.38
CA ASP A 292 9.87 24.66 8.92
C ASP A 292 8.64 23.81 9.22
N PHE A 293 8.70 23.05 10.33
CA PHE A 293 7.57 22.22 10.74
C PHE A 293 6.81 22.82 11.91
N ASN A 294 6.83 24.15 12.03
CA ASN A 294 6.13 24.81 13.13
C ASN A 294 5.39 26.05 12.63
N ASP A 295 4.96 26.08 11.36
CA ASP A 295 4.26 27.24 10.83
C ASP A 295 2.89 27.30 11.49
N THR A 296 2.73 28.30 12.33
CA THR A 296 1.52 28.48 13.10
C THR A 296 0.29 28.80 12.24
N LYS A 297 0.45 29.61 11.17
CA LYS A 297 -0.69 29.89 10.29
C LYS A 297 -1.27 28.61 9.70
N ARG A 298 -0.41 27.73 9.22
CA ARG A 298 -0.88 26.47 8.65
C ARG A 298 -1.47 25.58 9.75
N ILE A 299 -0.86 25.52 10.94
CA ILE A 299 -1.46 24.76 12.03
C ILE A 299 -2.85 25.30 12.37
N ASP A 300 -3.00 26.63 12.48
CA ASP A 300 -4.34 27.09 12.83
C ASP A 300 -5.35 26.89 11.71
N ILE A 301 -4.91 26.77 10.46
CA ILE A 301 -5.85 26.43 9.40
C ILE A 301 -6.28 24.97 9.55
N MET A 302 -5.35 24.09 9.90
CA MET A 302 -5.71 22.68 10.05
C MET A 302 -6.69 22.47 11.20
N VAL A 303 -6.50 23.15 12.33
CA VAL A 303 -7.41 22.89 13.46
C VAL A 303 -8.85 23.19 13.03
N THR A 304 -9.05 24.26 12.22
CA THR A 304 -10.40 24.56 11.76
C THR A 304 -10.89 23.60 10.70
N MET A 305 -10.03 22.81 10.07
CA MET A 305 -10.52 21.75 9.21
C MET A 305 -10.87 20.47 9.94
N GLY A 306 -10.72 20.43 11.26
CA GLY A 306 -11.12 19.28 12.05
C GLY A 306 -9.98 18.44 12.61
N PHE A 307 -8.75 18.97 12.66
CA PHE A 307 -7.61 18.25 13.21
C PHE A 307 -7.31 18.81 14.59
N ALA A 308 -6.92 17.93 15.49
CA ALA A 308 -6.61 18.35 16.85
C ALA A 308 -5.17 18.83 16.88
N ARG A 309 -4.93 19.90 17.65
CA ARG A 309 -3.58 20.47 17.64
CA ARG A 309 -3.59 20.49 17.75
C ARG A 309 -2.54 19.44 18.07
N ASP A 310 -2.85 18.56 19.03
CA ASP A 310 -1.86 17.59 19.47
C ASP A 310 -1.59 16.54 18.39
N GLU A 311 -2.66 16.10 17.71
CA GLU A 311 -2.49 15.15 16.62
C GLU A 311 -1.62 15.75 15.51
N ILE A 312 -1.81 17.05 15.26
CA ILE A 312 -1.01 17.77 14.27
C ILE A 312 0.45 17.82 14.71
N ASN A 313 0.68 18.31 15.93
CA ASN A 313 2.04 18.43 16.44
C ASN A 313 2.72 17.07 16.47
N ASP A 314 2.03 16.03 16.98
CA ASP A 314 2.67 14.72 16.98
C ASP A 314 3.01 14.26 15.56
N ALA A 315 2.10 14.47 14.61
CA ALA A 315 2.33 13.98 13.25
C ALA A 315 3.54 14.63 12.61
N LEU A 316 3.78 15.92 12.89
CA LEU A 316 4.93 16.61 12.32
C LEU A 316 6.23 16.28 13.04
N ILE A 317 6.14 15.85 14.30
CA ILE A 317 7.30 15.31 15.02
C ILE A 317 7.64 13.88 14.58
N ASN A 318 6.65 13.06 14.24
CA ASN A 318 6.88 11.67 13.84
C ASN A 318 7.35 11.50 12.41
N GLN A 319 7.06 12.49 11.56
CA GLN A 319 7.47 12.55 10.15
C GLN A 319 7.34 11.22 9.41
N LYS A 320 6.12 10.68 9.35
CA LYS A 320 5.86 9.45 8.59
C LYS A 320 4.99 9.67 7.36
N TYR A 321 4.80 10.92 6.93
CA TYR A 321 4.10 11.25 5.68
C TYR A 321 2.72 10.60 5.63
N ASP A 322 1.97 10.80 6.69
CA ASP A 322 0.59 10.32 6.77
C ASP A 322 -0.34 11.48 6.41
N GLU A 323 -1.65 11.20 6.47
CA GLU A 323 -2.70 12.18 6.19
C GLU A 323 -2.39 13.55 6.73
N VAL A 324 -2.10 13.61 8.03
CA VAL A 324 -1.99 14.88 8.75
C VAL A 324 -0.76 15.65 8.31
N MET A 325 0.38 14.98 8.21
CA MET A 325 1.58 15.62 7.69
C MET A 325 1.41 16.05 6.26
N ALA A 326 0.61 15.31 5.50
CA ALA A 326 0.42 15.64 4.10
C ALA A 326 -0.37 16.93 3.96
N THR A 327 -1.44 17.10 4.74
CA THR A 327 -2.22 18.32 4.64
C THR A 327 -1.37 19.55 4.97
N TYR A 328 -0.49 19.42 5.96
CA TYR A 328 0.31 20.57 6.38
C TYR A 328 1.34 20.96 5.31
N ILE A 329 2.01 19.95 4.69
CA ILE A 329 2.93 20.24 3.60
C ILE A 329 2.19 20.87 2.43
N LEU A 330 1.03 20.30 2.08
CA LEU A 330 0.26 20.78 0.96
C LEU A 330 -0.26 22.19 1.21
N LEU A 331 -0.45 22.56 2.48
CA LEU A 331 -0.92 23.91 2.76
C LEU A 331 0.14 24.96 2.46
N GLY A 332 1.42 24.60 2.50
CA GLY A 332 2.47 25.53 2.16
C GLY A 332 2.83 25.54 0.69
N ARG A 333 2.01 24.92 -0.15
CA ARG A 333 2.01 25.00 -1.61
C ARG A 333 0.95 25.98 -2.07
N LYS A 334 1.18 26.57 -3.26
CA LYS A 334 0.26 27.56 -3.80
C LYS A 334 -1.15 26.98 -3.87
N PRO A 335 -2.14 27.66 -3.30
CA PRO A 335 -3.51 27.14 -3.34
C PRO A 335 -4.06 27.24 -4.74
N PRO A 336 -5.09 26.49 -5.07
CA PRO A 336 -5.75 26.68 -6.37
C PRO A 336 -6.40 28.06 -6.40
N GLU A 337 -6.53 28.64 -7.58
CA GLU A 337 -7.07 29.99 -7.66
C GLU A 337 -8.56 30.00 -7.35
N PHE A 338 -9.00 31.10 -6.75
CA PHE A 338 -10.39 31.34 -6.37
C PHE A 338 -11.33 31.37 -7.58
N GLU A 339 -12.48 30.69 -7.44
CA GLU A 339 -13.48 30.63 -8.51
C GLU A 339 -14.62 31.62 -8.21
N GLY A 340 -14.94 32.46 -9.19
CA GLY A 340 -16.04 33.39 -9.05
C GLY A 340 -17.29 32.94 -9.78
N LYS A 360 -13.90 25.45 -27.21
CA LYS A 360 -13.34 25.86 -25.92
C LYS A 360 -11.92 25.34 -25.61
N PRO A 361 -10.96 25.43 -26.54
CA PRO A 361 -9.62 24.92 -26.20
C PRO A 361 -9.02 25.68 -25.02
N ARG A 362 -8.20 24.97 -24.27
CA ARG A 362 -7.44 25.52 -23.16
C ARG A 362 -6.36 26.49 -23.57
N SER A 363 -6.15 27.48 -22.70
CA SER A 363 -5.12 28.49 -22.90
C SER A 363 -3.96 28.12 -21.99
N LEU A 364 -2.88 27.65 -22.60
CA LEU A 364 -1.86 26.97 -21.84
C LEU A 364 -0.57 27.56 -22.36
N ARG A 365 0.47 27.45 -21.58
CA ARG A 365 1.77 27.84 -22.03
C ARG A 365 2.53 26.57 -22.29
N PHE A 366 2.79 26.25 -23.53
CA PHE A 366 3.55 25.07 -23.81
C PHE A 366 4.56 25.45 -24.88
N THR A 367 5.52 24.58 -25.17
CA THR A 367 6.49 24.90 -26.22
C THR A 367 5.82 24.74 -27.58
N TRP A 368 5.13 25.80 -28.00
CA TRP A 368 4.51 25.76 -29.31
C TRP A 368 5.55 25.85 -30.43
N SER A 369 5.12 25.44 -31.60
CA SER A 369 5.93 25.51 -32.80
C SER A 369 5.08 26.03 -33.96
N MET A 370 5.73 26.74 -34.87
CA MET A 370 5.02 27.24 -36.05
C MET A 370 4.62 26.09 -36.97
N LYS A 371 5.28 24.94 -36.84
CA LYS A 371 4.87 23.76 -37.59
C LYS A 371 3.43 23.36 -37.26
N THR A 372 2.95 23.68 -36.05
CA THR A 372 1.64 23.19 -35.61
C THR A 372 0.73 24.32 -35.15
N THR A 373 1.12 25.56 -35.35
CA THR A 373 0.29 26.72 -35.00
C THR A 373 -0.58 27.08 -36.19
N SER A 374 -1.79 27.58 -35.91
CA SER A 374 -2.75 27.77 -36.98
C SER A 374 -3.90 28.65 -36.52
N SER A 375 -4.56 29.25 -37.51
CA SER A 375 -5.75 30.07 -37.37
C SER A 375 -7.04 29.27 -37.53
N MET A 376 -6.92 28.04 -38.05
CA MET A 376 -8.07 27.21 -38.39
C MET A 376 -8.92 26.90 -37.16
N ASP A 377 -10.22 26.71 -37.38
CA ASP A 377 -11.14 26.43 -36.27
C ASP A 377 -10.69 25.16 -35.57
N PRO A 378 -10.48 25.20 -34.24
CA PRO A 378 -9.94 24.02 -33.51
C PRO A 378 -10.58 22.68 -33.83
N ASN A 379 -11.90 22.62 -34.08
CA ASN A 379 -12.52 21.32 -34.37
C ASN A 379 -12.10 20.78 -35.72
N ASP A 380 -11.81 21.67 -36.68
CA ASP A 380 -11.21 21.20 -37.91
C ASP A 380 -9.74 20.90 -37.70
N MET A 381 -9.11 21.52 -36.69
CA MET A 381 -7.75 21.13 -36.35
C MET A 381 -7.73 19.67 -35.88
N MET A 382 -8.77 19.24 -35.17
CA MET A 382 -8.77 17.85 -34.70
C MET A 382 -9.12 16.88 -35.81
N ARG A 383 -10.01 17.28 -36.73
CA ARG A 383 -10.30 16.45 -37.89
C ARG A 383 -9.05 16.21 -38.71
N GLU A 384 -8.17 17.22 -38.76
CA GLU A 384 -6.90 17.07 -39.47
C GLU A 384 -5.91 16.21 -38.68
N ILE A 385 -5.84 16.42 -37.35
CA ILE A 385 -5.01 15.58 -36.50
C ILE A 385 -5.43 14.12 -36.61
N ARG A 386 -6.75 13.87 -36.58
CA ARG A 386 -7.20 12.49 -36.62
C ARG A 386 -6.90 11.82 -37.95
N LYS A 387 -6.97 12.56 -39.06
CA LYS A 387 -6.67 11.95 -40.35
C LYS A 387 -5.18 11.60 -40.45
N VAL A 388 -4.30 12.48 -40.00
CA VAL A 388 -2.88 12.19 -40.13
C VAL A 388 -2.49 11.03 -39.25
N LEU A 389 -3.13 10.89 -38.08
CA LEU A 389 -2.81 9.78 -37.23
C LEU A 389 -3.15 8.48 -37.94
N ASP A 390 -4.29 8.45 -38.61
CA ASP A 390 -4.70 7.26 -39.36
C ASP A 390 -3.66 6.89 -40.41
N ALA A 391 -3.07 7.87 -41.08
CA ALA A 391 -2.18 7.54 -42.19
C ALA A 391 -0.85 6.99 -41.71
N ASN A 392 -0.43 7.31 -40.49
CA ASN A 392 0.81 6.79 -39.94
C ASN A 392 0.56 5.64 -39.01
N ASN A 393 -0.61 5.03 -39.11
CA ASN A 393 -1.06 3.90 -38.31
C ASN A 393 -0.87 4.13 -36.82
N CYS A 394 -1.47 5.23 -36.36
CA CYS A 394 -1.56 5.54 -34.95
C CYS A 394 -3.01 5.34 -34.58
N ASP A 395 -3.24 4.64 -33.50
CA ASP A 395 -4.57 4.49 -32.96
C ASP A 395 -4.75 5.51 -31.85
N TYR A 396 -5.99 5.95 -31.64
CA TYR A 396 -6.24 7.02 -30.69
C TYR A 396 -7.65 6.84 -30.15
N GLU A 397 -7.91 7.52 -29.04
CA GLU A 397 -9.22 7.54 -28.42
C GLU A 397 -9.50 8.96 -27.96
N GLN A 398 -10.67 9.50 -28.33
CA GLN A 398 -11.01 10.86 -27.92
C GLN A 398 -11.45 10.87 -26.47
N LYS A 399 -10.89 11.79 -25.71
CA LYS A 399 -11.14 11.85 -24.28
C LYS A 399 -11.85 13.13 -23.86
N GLU A 400 -11.42 14.26 -24.38
CA GLU A 400 -12.14 15.52 -24.28
C GLU A 400 -12.34 16.08 -25.68
N ARG A 401 -12.93 17.27 -25.75
CA ARG A 401 -13.20 17.90 -27.04
C ARG A 401 -11.91 18.16 -27.80
N PHE A 402 -10.81 18.44 -27.11
CA PHE A 402 -9.58 18.86 -27.78
C PHE A 402 -8.39 18.02 -27.34
N LEU A 403 -8.60 16.74 -27.01
CA LEU A 403 -7.51 15.90 -26.51
C LEU A 403 -7.71 14.47 -27.00
N LEU A 404 -6.62 13.88 -27.52
CA LEU A 404 -6.60 12.48 -27.92
C LEU A 404 -5.47 11.77 -27.19
N PHE A 405 -5.73 10.50 -26.83
CA PHE A 405 -4.71 9.60 -26.31
C PHE A 405 -4.30 8.70 -27.46
N CYS A 406 -3.01 8.69 -27.78
CA CYS A 406 -2.53 8.09 -29.02
C CYS A 406 -1.54 6.99 -28.69
N VAL A 407 -1.49 6.01 -29.58
CA VAL A 407 -0.63 4.85 -29.38
C VAL A 407 -0.10 4.41 -30.75
N HIS A 408 1.16 4.01 -30.79
CA HIS A 408 1.80 3.60 -32.02
C HIS A 408 2.98 2.69 -31.69
N GLY A 409 3.23 1.71 -32.55
CA GLY A 409 4.36 0.81 -32.45
C GLY A 409 3.94 -0.56 -31.99
N ASP A 410 4.95 -1.42 -31.79
CA ASP A 410 4.78 -2.82 -31.44
C ASP A 410 5.71 -3.14 -30.29
N ALA A 411 5.19 -3.78 -29.24
CA ALA A 411 5.94 -3.97 -28.01
C ALA A 411 7.12 -4.92 -28.17
N ARG A 412 7.20 -5.67 -29.27
CA ARG A 412 8.39 -6.48 -29.52
C ARG A 412 9.58 -5.63 -29.93
N GLN A 413 9.35 -4.56 -30.69
CA GLN A 413 10.41 -3.73 -31.24
C GLN A 413 10.83 -2.57 -30.32
N ASP A 414 10.45 -2.63 -29.04
CA ASP A 414 10.72 -1.55 -28.06
C ASP A 414 10.29 -0.20 -28.63
N SER A 415 9.18 -0.20 -29.37
CA SER A 415 8.73 0.97 -30.10
C SER A 415 7.33 1.39 -29.72
N LEU A 416 6.69 0.70 -28.78
CA LEU A 416 5.38 1.12 -28.38
C LEU A 416 5.50 2.42 -27.59
N VAL A 417 4.66 3.38 -27.93
CA VAL A 417 4.67 4.69 -27.30
C VAL A 417 3.23 5.17 -27.24
N GLN A 418 2.86 5.76 -26.10
CA GLN A 418 1.57 6.39 -25.92
C GLN A 418 1.79 7.86 -25.55
N TRP A 419 0.87 8.71 -25.98
CA TRP A 419 1.06 10.14 -25.76
C TRP A 419 -0.25 10.87 -25.94
N GLU A 420 -0.31 12.05 -25.36
CA GLU A 420 -1.44 12.94 -25.54
C GLU A 420 -1.17 13.95 -26.65
N MET A 421 -2.25 14.34 -27.34
CA MET A 421 -2.27 15.47 -28.26
C MET A 421 -3.45 16.34 -27.89
N GLU A 422 -3.18 17.61 -27.62
CA GLU A 422 -4.22 18.54 -27.25
C GLU A 422 -4.05 19.81 -28.06
N VAL A 423 -5.16 20.35 -28.52
CA VAL A 423 -5.18 21.67 -29.13
C VAL A 423 -5.35 22.70 -28.03
N CYS A 424 -4.36 23.58 -27.88
CA CYS A 424 -4.42 24.66 -26.89
C CYS A 424 -4.21 26.01 -27.56
N SER A 425 -4.82 27.05 -26.98
CA SER A 425 -4.66 28.42 -27.43
C SER A 425 -3.26 28.96 -27.11
N LEU A 426 -2.86 29.99 -27.85
CA LEU A 426 -1.66 30.79 -27.59
C LEU A 426 -2.01 32.22 -27.20
N PRO A 427 -1.02 33.01 -26.68
CA PRO A 427 -1.35 34.33 -26.12
C PRO A 427 -1.62 35.37 -27.19
N SER A 428 -2.64 35.12 -28.00
CA SER A 428 -3.09 36.04 -29.06
C SER A 428 -4.56 35.75 -29.34
N LEU A 429 -5.09 36.29 -30.45
CA LEU A 429 -6.55 36.32 -30.62
C LEU A 429 -7.12 34.99 -31.13
N SER A 430 -6.95 34.61 -32.41
CA SER A 430 -7.41 33.26 -32.78
C SER A 430 -6.27 32.34 -33.21
N LEU A 431 -5.23 32.17 -32.41
CA LEU A 431 -4.20 31.19 -32.76
C LEU A 431 -4.24 30.04 -31.79
N ASN A 432 -4.11 28.82 -32.31
CA ASN A 432 -4.08 27.57 -31.55
C ASN A 432 -2.93 26.68 -32.01
N GLY A 433 -2.39 25.89 -31.07
CA GLY A 433 -1.35 24.93 -31.35
C GLY A 433 -1.73 23.50 -30.95
N VAL A 434 -0.78 22.59 -31.17
CA VAL A 434 -0.92 21.18 -30.80
C VAL A 434 0.15 20.80 -29.78
N ARG A 435 -0.29 20.40 -28.57
CA ARG A 435 0.63 19.98 -27.52
C ARG A 435 0.78 18.47 -27.58
N PHE A 436 2.03 18.01 -27.57
CA PHE A 436 2.36 16.60 -27.48
C PHE A 436 2.91 16.34 -26.08
N LYS A 437 2.39 15.31 -25.41
CA LYS A 437 2.94 14.88 -24.13
CA LYS A 437 2.95 14.88 -24.13
C LYS A 437 2.99 13.36 -24.09
N ARG A 438 4.19 12.84 -23.86
CA ARG A 438 4.41 11.41 -23.78
C ARG A 438 3.88 10.87 -22.46
N ILE A 439 3.15 9.76 -22.53
CA ILE A 439 2.59 9.10 -21.35
C ILE A 439 3.42 7.87 -20.98
N SER A 440 3.94 7.22 -22.02
CA SER A 440 4.49 5.88 -22.01
C SER A 440 5.44 5.73 -23.18
N GLY A 441 6.51 4.99 -22.94
CA GLY A 441 7.42 4.68 -24.03
C GLY A 441 8.74 5.42 -23.93
N THR A 442 9.66 5.01 -24.80
CA THR A 442 10.98 5.63 -24.84
C THR A 442 10.87 7.05 -25.38
N SER A 443 11.76 7.94 -24.89
CA SER A 443 11.72 9.29 -25.45
C SER A 443 12.12 9.27 -26.91
N ILE A 444 13.12 8.46 -27.25
CA ILE A 444 13.57 8.29 -28.64
C ILE A 444 12.41 7.95 -29.56
N ALA A 445 11.58 6.98 -29.15
CA ALA A 445 10.47 6.57 -30.01
C ALA A 445 9.37 7.62 -30.02
N PHE A 446 9.18 8.32 -28.89
CA PHE A 446 8.22 9.42 -28.85
C PHE A 446 8.62 10.51 -29.83
N LYS A 447 9.90 10.87 -29.82
CA LYS A 447 10.35 11.96 -30.67
C LYS A 447 10.15 11.61 -32.14
N ASN A 448 10.44 10.36 -32.53
CA ASN A 448 10.24 9.97 -33.92
C ASN A 448 8.78 10.10 -34.33
N ILE A 449 7.89 9.52 -33.54
CA ILE A 449 6.50 9.52 -33.97
C ILE A 449 5.87 10.90 -33.81
N ALA A 450 6.26 11.66 -32.78
CA ALA A 450 5.68 12.99 -32.61
C ALA A 450 6.16 13.94 -33.71
N SER A 451 7.44 13.88 -34.06
CA SER A 451 7.99 14.68 -35.14
C SER A 451 7.28 14.40 -36.46
N LYS A 452 7.11 13.11 -36.79
CA LYS A 452 6.52 12.79 -38.09
C LYS A 452 5.08 13.27 -38.17
N ILE A 453 4.33 13.22 -37.06
CA ILE A 453 2.97 13.77 -37.08
C ILE A 453 3.02 15.28 -37.29
N ALA A 454 3.93 15.96 -36.57
CA ALA A 454 3.98 17.41 -36.69
C ALA A 454 4.41 17.84 -38.09
N ASN A 455 5.38 17.14 -38.70
CA ASN A 455 5.76 17.51 -40.07
C ASN A 455 4.59 17.37 -41.04
N GLU A 456 3.68 16.42 -40.81
CA GLU A 456 2.62 16.17 -41.77
C GLU A 456 1.26 16.74 -41.39
N LEU A 457 1.17 17.52 -40.33
CA LEU A 457 -0.06 18.23 -40.08
C LEU A 457 -0.15 19.38 -41.08
N LYS A 458 -1.28 19.50 -41.76
CA LYS A 458 -1.53 20.61 -42.69
C LYS A 458 -2.58 21.52 -42.05
N LEU A 459 -2.09 22.47 -41.25
CA LEU A 459 -2.95 23.46 -40.59
C LEU A 459 -2.49 24.89 -40.91
N GLU B 16 0.08 -25.34 37.18
CA GLU B 16 -0.23 -26.15 36.00
C GLU B 16 1.03 -26.90 35.52
N GLN B 17 0.82 -28.04 34.84
CA GLN B 17 1.88 -28.80 34.18
C GLN B 17 2.11 -28.28 32.76
N PRO B 18 3.19 -28.73 32.09
CA PRO B 18 3.39 -28.40 30.66
C PRO B 18 2.40 -29.03 29.69
N HIS B 19 1.85 -30.20 29.98
CA HIS B 19 0.99 -30.91 29.02
C HIS B 19 -0.44 -30.96 29.52
N ILE B 20 -1.34 -31.07 28.55
CA ILE B 20 -2.70 -31.51 28.78
C ILE B 20 -3.13 -32.45 27.67
N GLY B 21 -3.67 -33.60 28.05
CA GLY B 21 -3.97 -34.62 27.06
C GLY B 21 -2.71 -34.90 26.31
N ASN B 22 -2.84 -34.98 24.99
CA ASN B 22 -1.71 -35.25 24.10
C ASN B 22 -1.10 -33.96 23.52
N TYR B 23 -1.14 -32.86 24.25
CA TYR B 23 -0.73 -31.55 23.74
C TYR B 23 0.24 -30.90 24.71
N ARG B 24 1.31 -30.30 24.16
CA ARG B 24 2.28 -29.52 24.91
C ARG B 24 1.97 -28.04 24.77
N LEU B 25 1.66 -27.37 25.88
CA LEU B 25 1.31 -25.95 25.80
C LEU B 25 2.56 -25.11 25.56
N GLN B 26 2.40 -24.00 24.84
CA GLN B 26 3.57 -23.21 24.47
C GLN B 26 3.51 -21.77 24.94
N LYS B 27 2.46 -21.00 24.61
CA LYS B 27 2.42 -19.62 25.07
C LYS B 27 0.99 -19.13 24.97
N THR B 28 0.70 -18.09 25.74
CA THR B 28 -0.60 -17.45 25.62
C THR B 28 -0.69 -16.68 24.31
N ILE B 29 -1.74 -16.97 23.54
CA ILE B 29 -2.00 -16.29 22.27
C ILE B 29 -3.28 -15.49 22.30
N GLY B 30 -4.04 -15.59 23.38
CA GLY B 30 -5.32 -14.94 23.56
C GLY B 30 -5.77 -15.02 25.01
N LYS B 31 -6.46 -13.98 25.45
CA LYS B 31 -6.89 -13.87 26.84
C LYS B 31 -8.12 -12.98 26.90
N GLY B 32 -8.96 -13.25 27.88
CA GLY B 32 -10.15 -12.44 28.09
C GLY B 32 -10.79 -12.84 29.39
N ASN B 33 -11.90 -12.19 29.69
CA ASN B 33 -12.64 -12.56 30.89
C ASN B 33 -13.27 -13.94 30.69
N PHE B 34 -13.15 -14.78 31.71
CA PHE B 34 -13.66 -16.16 31.76
C PHE B 34 -12.96 -17.15 30.83
N ALA B 35 -12.00 -16.75 29.99
CA ALA B 35 -11.31 -17.72 29.14
C ALA B 35 -9.91 -17.26 28.77
N LYS B 36 -9.05 -18.22 28.46
CA LYS B 36 -7.68 -17.97 28.07
C LYS B 36 -7.30 -18.97 26.97
N VAL B 37 -6.48 -18.55 26.02
CA VAL B 37 -6.07 -19.43 24.92
C VAL B 37 -4.55 -19.51 24.90
N LYS B 38 -4.03 -20.73 24.78
CA LYS B 38 -2.60 -20.91 24.59
C LYS B 38 -2.34 -21.79 23.37
N LEU B 39 -1.22 -21.49 22.71
CA LEU B 39 -0.78 -22.28 21.57
C LEU B 39 -0.21 -23.59 22.09
N ALA B 40 -0.41 -24.65 21.32
CA ALA B 40 0.03 -25.97 21.75
C ALA B 40 0.38 -26.81 20.54
N ARG B 41 1.12 -27.89 20.77
CA ARG B 41 1.52 -28.83 19.73
C ARG B 41 1.01 -30.21 20.08
N HIS B 42 0.24 -30.81 19.19
CA HIS B 42 -0.21 -32.18 19.38
C HIS B 42 0.99 -33.11 19.28
N VAL B 43 1.23 -33.89 20.33
CA VAL B 43 2.48 -34.63 20.44
C VAL B 43 2.50 -35.89 19.58
N LEU B 44 1.34 -36.34 19.07
CA LEU B 44 1.34 -37.55 18.27
C LEU B 44 1.47 -37.25 16.78
N THR B 45 0.85 -36.15 16.31
CA THR B 45 0.90 -35.77 14.91
C THR B 45 1.74 -34.52 14.65
N GLY B 46 2.19 -33.83 15.70
CA GLY B 46 3.06 -32.67 15.57
C GLY B 46 2.37 -31.37 15.26
N ARG B 47 1.09 -31.41 14.90
CA ARG B 47 0.36 -30.23 14.45
C ARG B 47 0.25 -29.16 15.53
N GLU B 48 -0.03 -27.94 15.09
CA GLU B 48 -0.27 -26.82 15.97
C GLU B 48 -1.78 -26.71 16.17
N VAL B 49 -2.18 -26.31 17.38
CA VAL B 49 -3.58 -26.24 17.77
C VAL B 49 -3.76 -25.01 18.66
N ALA B 50 -4.99 -24.61 18.84
CA ALA B 50 -5.33 -23.63 19.87
C ALA B 50 -6.13 -24.31 20.98
N VAL B 51 -5.71 -24.11 22.24
CA VAL B 51 -6.34 -24.75 23.41
C VAL B 51 -7.01 -23.65 24.22
N LYS B 52 -8.35 -23.65 24.26
CA LYS B 52 -9.03 -22.64 25.07
C LYS B 52 -9.32 -23.20 26.47
N ILE B 53 -8.83 -22.50 27.48
CA ILE B 53 -8.78 -22.97 28.85
C ILE B 53 -9.87 -22.26 29.63
N ILE B 54 -10.93 -23.01 29.93
CA ILE B 54 -12.15 -22.50 30.56
C ILE B 54 -12.23 -23.05 31.98
N ASP B 55 -12.35 -22.15 32.96
CA ASP B 55 -12.35 -22.52 34.37
C ASP B 55 -13.76 -22.87 34.80
N LYS B 56 -13.95 -24.12 35.20
CA LYS B 56 -15.28 -24.66 35.45
C LYS B 56 -15.88 -24.15 36.76
N THR B 57 -15.04 -23.66 37.68
CA THR B 57 -15.54 -23.30 39.00
C THR B 57 -16.21 -21.93 39.05
N GLN B 58 -15.91 -21.03 38.11
CA GLN B 58 -16.47 -19.68 38.12
C GLN B 58 -17.63 -19.51 37.15
N LEU B 59 -18.40 -20.57 36.95
CA LEU B 59 -19.55 -20.54 36.05
C LEU B 59 -20.82 -20.49 36.87
N ASN B 60 -21.75 -19.67 36.43
CA ASN B 60 -23.08 -19.43 36.99
C ASN B 60 -24.10 -20.08 36.08
N PRO B 61 -25.40 -20.05 36.41
CA PRO B 61 -26.38 -20.70 35.51
C PRO B 61 -26.29 -20.25 34.05
N THR B 62 -26.00 -18.97 33.81
CA THR B 62 -26.00 -18.47 32.44
C THR B 62 -24.68 -18.76 31.73
N SER B 63 -23.54 -18.54 32.41
CA SER B 63 -22.26 -18.81 31.76
C SER B 63 -22.07 -20.29 31.46
N LEU B 64 -22.57 -21.19 32.32
CA LEU B 64 -22.40 -22.61 32.04
C LEU B 64 -23.48 -23.15 31.10
N GLN B 65 -24.61 -22.47 30.95
CA GLN B 65 -25.47 -22.92 29.86
C GLN B 65 -24.94 -22.44 28.52
N LYS B 66 -24.29 -21.28 28.47
CA LYS B 66 -23.66 -20.84 27.24
C LYS B 66 -22.53 -21.78 26.85
N LEU B 67 -21.82 -22.33 27.83
CA LEU B 67 -20.68 -23.19 27.54
C LEU B 67 -21.11 -24.53 26.98
N PHE B 68 -22.29 -25.01 27.33
CA PHE B 68 -22.80 -26.22 26.72
C PHE B 68 -23.32 -25.96 25.32
N ARG B 69 -23.91 -24.78 25.09
CA ARG B 69 -24.35 -24.41 23.75
C ARG B 69 -23.18 -24.25 22.80
N GLU B 70 -22.06 -23.72 23.31
CA GLU B 70 -20.89 -23.50 22.47
C GLU B 70 -20.29 -24.82 22.01
N VAL B 71 -20.15 -25.79 22.92
CA VAL B 71 -19.55 -27.06 22.55
C VAL B 71 -20.47 -27.82 21.61
N ARG B 72 -21.77 -27.76 21.87
CA ARG B 72 -22.70 -28.45 21.00
C ARG B 72 -22.61 -27.87 19.58
N ILE B 73 -22.53 -26.54 19.50
CA ILE B 73 -22.59 -25.87 18.21
C ILE B 73 -21.30 -26.09 17.42
N MET B 74 -20.16 -26.04 18.09
CA MET B 74 -18.93 -26.20 17.32
C MET B 74 -18.69 -27.62 16.89
N LYS B 75 -19.24 -28.59 17.63
CA LYS B 75 -19.17 -29.97 17.21
C LYS B 75 -19.78 -30.19 15.83
N ILE B 76 -20.66 -29.28 15.37
CA ILE B 76 -21.39 -29.50 14.14
C ILE B 76 -21.06 -28.49 13.05
N LEU B 77 -20.10 -27.61 13.25
CA LEU B 77 -19.73 -26.68 12.20
C LEU B 77 -18.45 -27.11 11.51
N ASN B 78 -18.49 -27.10 10.17
CA ASN B 78 -17.42 -27.56 9.28
C ASN B 78 -17.41 -26.61 8.09
N HIS B 79 -16.67 -25.51 8.23
CA HIS B 79 -16.54 -24.51 7.18
C HIS B 79 -15.09 -24.09 7.09
N PRO B 80 -14.62 -23.80 5.87
CA PRO B 80 -13.21 -23.38 5.75
C PRO B 80 -12.90 -22.00 6.32
N ASN B 81 -13.90 -21.18 6.64
CA ASN B 81 -13.69 -19.91 7.33
C ASN B 81 -14.34 -19.89 8.72
N ILE B 82 -14.37 -21.03 9.42
CA ILE B 82 -14.78 -21.13 10.82
C ILE B 82 -13.78 -22.04 11.55
N VAL B 83 -13.26 -21.58 12.68
CA VAL B 83 -12.35 -22.42 13.48
C VAL B 83 -13.04 -23.73 13.84
N LYS B 84 -12.35 -24.85 13.61
CA LYS B 84 -12.89 -26.18 13.80
C LYS B 84 -12.48 -26.74 15.15
N LEU B 85 -13.39 -27.47 15.80
CA LEU B 85 -13.07 -28.16 17.05
C LEU B 85 -12.38 -29.49 16.73
N PHE B 86 -11.35 -29.80 17.51
CA PHE B 86 -10.62 -31.07 17.37
C PHE B 86 -10.83 -32.02 18.55
N GLU B 87 -10.77 -31.53 19.78
CA GLU B 87 -10.85 -32.42 20.92
C GLU B 87 -11.47 -31.71 22.10
N VAL B 88 -12.18 -32.46 22.92
CA VAL B 88 -12.71 -31.97 24.19
C VAL B 88 -12.03 -32.75 25.30
N ILE B 89 -11.34 -32.03 26.18
CA ILE B 89 -10.65 -32.63 27.31
C ILE B 89 -11.20 -32.01 28.59
N GLU B 90 -11.48 -32.87 29.58
CA GLU B 90 -12.08 -32.47 30.84
C GLU B 90 -11.22 -32.86 32.03
N THR B 91 -11.23 -31.98 33.03
CA THR B 91 -10.86 -32.29 34.40
C THR B 91 -12.02 -31.84 35.29
N GLU B 92 -11.84 -31.93 36.60
CA GLU B 92 -12.94 -31.56 37.47
C GLU B 92 -13.15 -30.04 37.47
N LYS B 93 -12.07 -29.26 37.42
CA LYS B 93 -12.18 -27.82 37.57
C LYS B 93 -11.86 -27.03 36.31
N THR B 94 -11.47 -27.69 35.23
CA THR B 94 -11.08 -26.98 34.01
C THR B 94 -11.55 -27.75 32.80
N LEU B 95 -12.07 -27.03 31.82
CA LEU B 95 -12.47 -27.59 30.55
C LEU B 95 -11.54 -27.05 29.48
N TYR B 96 -11.10 -27.93 28.58
CA TYR B 96 -10.20 -27.58 27.49
C TYR B 96 -10.86 -27.93 26.16
N LEU B 97 -10.97 -26.94 25.28
CA LEU B 97 -11.41 -27.13 23.90
C LEU B 97 -10.24 -26.84 22.99
N VAL B 98 -9.72 -27.86 22.33
CA VAL B 98 -8.63 -27.67 21.38
C VAL B 98 -9.21 -27.55 19.98
N MET B 99 -8.76 -26.54 19.24
CA MET B 99 -9.41 -26.14 18.00
C MET B 99 -8.34 -25.64 17.04
N GLU B 100 -8.78 -25.29 15.85
CA GLU B 100 -7.87 -24.84 14.81
C GLU B 100 -7.16 -23.56 15.21
N TYR B 101 -5.84 -23.56 15.09
CA TYR B 101 -5.03 -22.38 15.35
C TYR B 101 -5.01 -21.46 14.12
N ALA B 102 -5.40 -20.19 14.31
CA ALA B 102 -5.34 -19.14 13.30
C ALA B 102 -4.13 -18.25 13.56
N SER B 103 -3.07 -18.42 12.76
CA SER B 103 -1.76 -17.83 13.03
C SER B 103 -1.54 -16.47 12.38
N GLY B 104 -2.48 -15.98 11.55
CA GLY B 104 -2.26 -14.76 10.79
C GLY B 104 -2.74 -13.48 11.41
N GLY B 105 -3.21 -13.51 12.66
CA GLY B 105 -3.68 -12.33 13.33
C GLY B 105 -5.18 -12.21 13.24
N GLU B 106 -5.70 -10.98 13.26
CA GLU B 106 -7.11 -10.71 13.12
C GLU B 106 -7.31 -9.70 11.98
N VAL B 107 -8.54 -9.67 11.42
CA VAL B 107 -8.69 -8.91 10.19
C VAL B 107 -8.52 -7.43 10.44
N PHE B 108 -8.72 -6.96 11.67
CA PHE B 108 -8.50 -5.56 11.94
C PHE B 108 -7.04 -5.19 12.01
N ASP B 109 -6.13 -6.16 11.87
CA ASP B 109 -4.72 -5.80 11.76
C ASP B 109 -4.46 -4.96 10.51
N TYR B 110 -5.23 -5.15 9.43
CA TYR B 110 -5.03 -4.30 8.24
C TYR B 110 -5.25 -2.83 8.58
N LEU B 111 -6.18 -2.55 9.51
CA LEU B 111 -6.45 -1.16 9.86
C LEU B 111 -5.38 -0.57 10.77
N VAL B 112 -4.73 -1.41 11.59
CA VAL B 112 -3.62 -0.88 12.39
C VAL B 112 -2.43 -0.56 11.49
N ALA B 113 -2.12 -1.45 10.55
CA ALA B 113 -0.96 -1.23 9.69
C ALA B 113 -1.21 -0.12 8.66
N HIS B 114 -2.39 -0.10 8.05
CA HIS B 114 -2.62 0.64 6.81
C HIS B 114 -3.77 1.64 6.89
N GLY B 115 -4.48 1.74 8.00
CA GLY B 115 -5.72 2.48 8.03
C GLY B 115 -6.80 1.74 7.26
N ARG B 116 -7.91 2.44 7.04
CA ARG B 116 -9.06 1.93 6.33
C ARG B 116 -8.67 1.11 5.09
N MET B 117 -9.38 -0.01 4.89
CA MET B 117 -9.08 -0.93 3.80
C MET B 117 -9.70 -0.48 2.47
N LYS B 118 -9.07 -0.92 1.38
CA LYS B 118 -9.60 -0.68 0.05
C LYS B 118 -10.84 -1.54 -0.16
N GLU B 119 -11.89 -0.98 -0.76
CA GLU B 119 -13.13 -1.73 -0.95
C GLU B 119 -12.87 -3.07 -1.63
N LYS B 120 -11.86 -3.12 -2.49
CA LYS B 120 -11.51 -4.37 -3.15
C LYS B 120 -10.97 -5.40 -2.15
N GLU B 121 -10.11 -4.95 -1.21
CA GLU B 121 -9.45 -5.89 -0.32
C GLU B 121 -10.35 -6.34 0.83
N ALA B 122 -11.15 -5.42 1.36
CA ALA B 122 -12.24 -5.76 2.27
C ALA B 122 -13.17 -6.81 1.69
N ARG B 123 -13.45 -6.71 0.39
CA ARG B 123 -14.34 -7.65 -0.29
C ARG B 123 -13.82 -9.08 -0.24
N ALA B 124 -12.49 -9.25 -0.31
CA ALA B 124 -11.92 -10.59 -0.20
C ALA B 124 -12.24 -11.20 1.18
N LYS B 125 -12.15 -10.39 2.24
CA LYS B 125 -12.48 -10.85 3.58
C LYS B 125 -13.98 -10.99 3.75
N PHE B 126 -14.73 -9.99 3.31
CA PHE B 126 -16.17 -10.00 3.56
C PHE B 126 -16.89 -11.08 2.78
N ARG B 127 -16.32 -11.58 1.70
CA ARG B 127 -16.99 -12.68 1.03
C ARG B 127 -16.88 -13.94 1.84
N GLN B 128 -15.71 -14.15 2.46
CA GLN B 128 -15.52 -15.30 3.33
C GLN B 128 -16.31 -15.14 4.62
N ILE B 129 -16.40 -13.92 5.13
CA ILE B 129 -17.19 -13.68 6.35
C ILE B 129 -18.66 -14.00 6.09
N VAL B 130 -19.20 -13.48 4.99
CA VAL B 130 -20.61 -13.72 4.67
C VAL B 130 -20.86 -15.20 4.37
N SER B 131 -19.89 -15.88 3.74
CA SER B 131 -20.05 -17.31 3.45
C SER B 131 -20.14 -18.12 4.74
N ALA B 132 -19.24 -17.86 5.69
CA ALA B 132 -19.27 -18.59 6.96
C ALA B 132 -20.55 -18.28 7.73
N VAL B 133 -20.89 -16.99 7.88
CA VAL B 133 -22.04 -16.64 8.72
C VAL B 133 -23.34 -17.15 8.09
N GLN B 134 -23.44 -17.11 6.76
CA GLN B 134 -24.65 -17.62 6.13
C GLN B 134 -24.73 -19.14 6.25
N TYR B 135 -23.58 -19.82 6.22
CA TYR B 135 -23.56 -21.26 6.50
C TYR B 135 -24.14 -21.57 7.88
N CYS B 136 -23.87 -20.73 8.88
CA CYS B 136 -24.48 -20.91 10.20
C CYS B 136 -25.99 -20.74 10.16
N HIS B 137 -26.49 -19.67 9.52
CA HIS B 137 -27.93 -19.43 9.52
C HIS B 137 -28.71 -20.52 8.80
N GLN B 138 -28.04 -21.29 7.94
CA GLN B 138 -28.64 -22.44 7.26
C GLN B 138 -28.72 -23.65 8.18
N LYS B 139 -27.79 -23.75 9.14
CA LYS B 139 -27.85 -24.70 10.22
C LYS B 139 -28.51 -24.13 11.46
N TYR B 140 -29.40 -23.15 11.28
CA TYR B 140 -30.15 -22.51 12.37
C TYR B 140 -29.28 -22.15 13.57
N ILE B 141 -28.12 -21.54 13.29
CA ILE B 141 -27.20 -21.06 14.31
C ILE B 141 -27.00 -19.56 14.09
N VAL B 142 -27.11 -18.80 15.18
CA VAL B 142 -26.78 -17.38 15.19
C VAL B 142 -25.59 -17.20 16.14
N HIS B 143 -24.65 -16.37 15.74
CA HIS B 143 -23.40 -16.18 16.48
C HIS B 143 -23.59 -15.21 17.62
N ARG B 144 -24.15 -14.03 17.31
CA ARG B 144 -24.49 -12.95 18.24
C ARG B 144 -23.28 -12.22 18.83
N ASP B 145 -22.06 -12.51 18.38
CA ASP B 145 -20.88 -11.77 18.83
C ASP B 145 -19.93 -11.48 17.67
N LEU B 146 -20.48 -11.20 16.48
CA LEU B 146 -19.67 -10.88 15.30
C LEU B 146 -19.11 -9.47 15.44
N LYS B 147 -17.96 -9.40 16.10
CA LYS B 147 -17.20 -8.21 16.42
C LYS B 147 -15.82 -8.39 15.81
N ALA B 148 -15.03 -7.32 15.82
CA ALA B 148 -13.72 -7.39 15.18
C ALA B 148 -12.84 -8.48 15.80
N GLU B 149 -12.78 -8.54 17.14
CA GLU B 149 -11.90 -9.50 17.81
C GLU B 149 -12.18 -10.95 17.40
N ASN B 150 -13.39 -11.27 16.96
CA ASN B 150 -13.74 -12.66 16.62
C ASN B 150 -13.64 -12.99 15.13
N LEU B 151 -13.00 -12.15 14.31
CA LEU B 151 -12.71 -12.47 12.92
C LEU B 151 -11.21 -12.59 12.76
N LEU B 152 -10.73 -13.83 12.79
CA LEU B 152 -9.30 -14.12 12.75
C LEU B 152 -8.85 -14.45 11.33
N LEU B 153 -7.55 -14.61 11.17
CA LEU B 153 -6.97 -15.02 9.89
C LEU B 153 -5.95 -16.13 10.08
N ASP B 154 -5.90 -17.05 9.12
CA ASP B 154 -4.94 -18.16 9.12
C ASP B 154 -3.60 -17.65 8.60
N GLY B 155 -2.69 -18.56 8.26
CA GLY B 155 -1.38 -18.18 7.74
C GLY B 155 -1.41 -17.52 6.38
N ASP B 156 -2.47 -17.74 5.61
CA ASP B 156 -2.65 -17.12 4.30
C ASP B 156 -3.61 -15.95 4.37
N MET B 157 -3.93 -15.48 5.57
CA MET B 157 -4.84 -14.35 5.77
C MET B 157 -6.25 -14.61 5.22
N ASN B 158 -6.74 -15.84 5.40
CA ASN B 158 -8.15 -16.14 5.14
C ASN B 158 -8.96 -16.02 6.41
N ILE B 159 -10.18 -15.52 6.28
CA ILE B 159 -11.04 -15.29 7.44
C ILE B 159 -11.31 -16.61 8.16
N LYS B 160 -11.24 -16.56 9.49
CA LYS B 160 -11.49 -17.70 10.39
C LYS B 160 -12.34 -17.16 11.54
N ILE B 161 -13.65 -17.46 11.51
CA ILE B 161 -14.57 -16.96 12.51
C ILE B 161 -14.40 -17.73 13.81
N ALA B 162 -14.33 -17.03 14.92
CA ALA B 162 -14.01 -17.67 16.19
C ALA B 162 -15.01 -17.31 17.28
N ASP B 163 -14.85 -18.00 18.41
CA ASP B 163 -15.58 -17.85 19.66
C ASP B 163 -17.10 -17.89 19.62
N PHE B 164 -17.65 -19.08 19.39
CA PHE B 164 -19.08 -19.32 19.48
C PHE B 164 -19.66 -19.38 20.90
N GLY B 165 -19.00 -18.69 21.86
CA GLY B 165 -19.45 -18.72 23.24
C GLY B 165 -20.83 -18.14 23.45
N PHE B 166 -21.14 -17.06 22.76
CA PHE B 166 -22.45 -16.45 22.92
C PHE B 166 -23.48 -16.96 21.92
N SER B 167 -23.19 -18.04 21.19
CA SER B 167 -24.09 -18.43 20.10
C SER B 167 -25.23 -19.30 20.62
N ASN B 168 -26.23 -19.47 19.76
CA ASN B 168 -27.40 -20.27 20.10
C ASN B 168 -28.13 -20.64 18.82
N GLU B 169 -29.07 -21.58 18.95
CA GLU B 169 -29.89 -22.06 17.85
C GLU B 169 -31.24 -21.35 17.84
N PHE B 170 -31.84 -21.26 16.65
CA PHE B 170 -33.14 -20.63 16.47
C PHE B 170 -34.06 -21.52 15.65
N THR B 171 -35.35 -21.32 15.84
CA THR B 171 -36.39 -22.16 15.22
C THR B 171 -37.51 -21.26 14.74
N VAL B 172 -38.02 -21.54 13.56
CA VAL B 172 -39.19 -20.82 13.09
C VAL B 172 -40.28 -20.93 14.14
N GLY B 173 -40.74 -19.77 14.63
CA GLY B 173 -41.85 -19.72 15.58
C GLY B 173 -41.46 -19.37 16.98
N ASN B 174 -40.22 -19.63 17.39
CA ASN B 174 -39.73 -19.26 18.70
C ASN B 174 -38.62 -18.21 18.56
N LYS B 175 -38.44 -17.41 19.60
CA LYS B 175 -37.63 -16.21 19.49
C LYS B 175 -36.66 -16.12 20.67
N LEU B 176 -35.53 -15.47 20.43
CA LEU B 176 -34.54 -15.24 21.46
C LEU B 176 -34.68 -13.82 21.99
N ASP B 177 -34.12 -13.57 23.17
CA ASP B 177 -34.21 -12.26 23.78
C ASP B 177 -32.92 -11.76 24.40
N GLU B 178 -31.88 -12.59 24.47
CA GLU B 178 -30.68 -12.19 25.21
C GLU B 178 -29.86 -11.19 24.41
N PHE B 179 -29.07 -10.41 25.14
CA PHE B 179 -28.26 -9.38 24.55
C PHE B 179 -26.85 -9.62 25.08
N CYS B 180 -26.03 -10.33 24.30
CA CYS B 180 -24.72 -10.80 24.73
C CYS B 180 -23.55 -10.12 24.04
N GLY B 181 -23.71 -9.63 22.80
CA GLY B 181 -22.59 -9.13 22.03
C GLY B 181 -22.15 -7.76 22.50
N SER B 182 -21.16 -7.22 21.79
CA SER B 182 -20.62 -5.90 22.08
C SER B 182 -21.62 -4.81 21.68
N PRO B 183 -21.73 -3.74 22.47
CA PRO B 183 -22.70 -2.67 22.15
C PRO B 183 -22.44 -2.01 20.80
N PRO B 184 -21.18 -1.70 20.43
CA PRO B 184 -20.98 -1.09 19.10
C PRO B 184 -21.50 -1.93 17.95
N TYR B 185 -21.57 -3.25 18.09
CA TYR B 185 -22.05 -4.11 17.01
C TYR B 185 -23.50 -4.53 17.19
N ALA B 186 -24.20 -3.97 18.17
CA ALA B 186 -25.47 -4.52 18.60
C ALA B 186 -26.61 -3.90 17.78
N ALA B 187 -27.46 -4.77 17.23
CA ALA B 187 -28.61 -4.29 16.48
C ALA B 187 -29.49 -3.41 17.35
N PRO B 188 -30.26 -2.50 16.75
CA PRO B 188 -31.08 -1.61 17.59
C PRO B 188 -32.19 -2.33 18.34
N GLU B 189 -32.71 -3.45 17.82
CA GLU B 189 -33.67 -4.24 18.59
C GLU B 189 -33.09 -4.68 19.94
N LEU B 190 -31.81 -5.08 19.98
CA LEU B 190 -31.20 -5.49 21.25
C LEU B 190 -31.21 -4.33 22.23
N PHE B 191 -30.79 -3.15 21.77
CA PHE B 191 -30.79 -1.96 22.61
C PHE B 191 -32.19 -1.63 23.13
N GLN B 192 -33.23 -2.28 22.58
CA GLN B 192 -34.61 -2.09 23.00
C GLN B 192 -35.21 -3.33 23.66
N GLY B 193 -34.47 -4.43 23.78
CA GLY B 193 -34.98 -5.63 24.42
C GLY B 193 -36.12 -6.31 23.68
N LYS B 194 -36.20 -6.14 22.36
CA LYS B 194 -37.40 -6.41 21.57
C LYS B 194 -37.60 -7.88 21.18
N LYS B 195 -36.74 -8.79 21.59
CA LYS B 195 -36.92 -10.22 21.31
C LYS B 195 -36.74 -10.89 19.96
N TYR B 196 -35.64 -10.57 19.30
CA TYR B 196 -35.34 -10.97 17.94
C TYR B 196 -35.55 -12.41 17.49
N ASP B 197 -35.64 -12.58 16.18
CA ASP B 197 -35.86 -13.89 15.59
C ASP B 197 -34.56 -14.68 15.47
N GLY B 198 -33.42 -14.03 15.56
CA GLY B 198 -32.15 -14.70 15.38
C GLY B 198 -31.27 -14.07 14.31
N PRO B 199 -31.11 -14.76 13.18
CA PRO B 199 -30.10 -14.37 12.18
C PRO B 199 -30.05 -12.91 11.77
N GLU B 200 -31.12 -12.13 11.98
CA GLU B 200 -31.10 -10.75 11.52
C GLU B 200 -30.26 -9.83 12.42
N VAL B 201 -29.84 -10.27 13.60
CA VAL B 201 -28.96 -9.39 14.35
C VAL B 201 -27.49 -9.62 13.99
N ASP B 202 -27.17 -10.78 13.38
CA ASP B 202 -25.83 -10.94 12.86
C ASP B 202 -25.63 -10.08 11.63
N VAL B 203 -26.67 -9.95 10.80
CA VAL B 203 -26.53 -9.15 9.60
C VAL B 203 -26.30 -7.69 9.96
N TRP B 204 -26.94 -7.19 11.01
CA TRP B 204 -26.60 -5.85 11.51
C TRP B 204 -25.11 -5.78 11.85
N SER B 205 -24.59 -6.80 12.54
CA SER B 205 -23.20 -6.74 12.96
C SER B 205 -22.25 -6.81 11.78
N LEU B 206 -22.65 -7.49 10.71
CA LEU B 206 -21.77 -7.54 9.54
C LEU B 206 -21.70 -6.19 8.86
N GLY B 207 -22.79 -5.45 8.87
CA GLY B 207 -22.75 -4.08 8.38
C GLY B 207 -21.90 -3.20 9.24
N VAL B 208 -21.85 -3.45 10.55
CA VAL B 208 -20.94 -2.69 11.39
C VAL B 208 -19.51 -3.04 11.04
N ILE B 209 -19.25 -4.31 10.72
CA ILE B 209 -17.89 -4.73 10.35
C ILE B 209 -17.52 -4.17 8.99
N LEU B 210 -18.43 -4.29 8.02
CA LEU B 210 -18.08 -3.83 6.66
C LEU B 210 -17.86 -2.33 6.65
N TYR B 211 -18.74 -1.59 7.33
CA TYR B 211 -18.54 -0.16 7.45
C TYR B 211 -17.17 0.16 8.04
N THR B 212 -16.72 -0.65 9.00
CA THR B 212 -15.48 -0.33 9.68
C THR B 212 -14.25 -0.72 8.87
N LEU B 213 -14.28 -1.80 8.07
CA LEU B 213 -13.06 -2.09 7.32
C LEU B 213 -12.87 -1.11 6.18
N VAL B 214 -13.96 -0.57 5.61
CA VAL B 214 -13.74 0.34 4.48
C VAL B 214 -13.65 1.79 4.87
N SER B 215 -14.06 2.15 6.09
CA SER B 215 -14.02 3.54 6.53
C SER B 215 -13.04 3.81 7.67
N GLY B 216 -12.49 2.77 8.27
CA GLY B 216 -11.48 2.89 9.28
C GLY B 216 -11.99 2.98 10.71
N SER B 217 -13.28 3.28 10.92
CA SER B 217 -13.82 3.31 12.27
C SER B 217 -15.31 2.94 12.28
N LEU B 218 -15.82 2.71 13.48
CA LEU B 218 -17.15 2.18 13.66
C LEU B 218 -18.21 3.19 13.19
N PRO B 219 -19.37 2.69 12.76
CA PRO B 219 -20.40 3.61 12.27
C PRO B 219 -21.06 4.39 13.38
N PHE B 220 -21.23 3.80 14.54
CA PHE B 220 -21.87 4.45 15.67
C PHE B 220 -20.92 4.36 16.85
N ASP B 221 -20.68 5.48 17.52
CA ASP B 221 -19.96 5.37 18.77
C ASP B 221 -20.16 6.65 19.59
N GLY B 222 -20.23 6.47 20.91
CA GLY B 222 -20.35 7.59 21.82
C GLY B 222 -19.37 7.44 22.98
N GLN B 223 -19.25 8.52 23.76
CA GLN B 223 -18.31 8.55 24.88
C GLN B 223 -18.85 7.83 26.12
N ASN B 224 -20.03 7.23 26.03
CA ASN B 224 -20.66 6.45 27.09
C ASN B 224 -21.73 5.60 26.40
N LEU B 225 -22.27 4.63 27.13
CA LEU B 225 -23.24 3.75 26.48
C LEU B 225 -24.54 4.45 26.11
N LYS B 226 -24.94 5.46 26.88
CA LYS B 226 -26.15 6.21 26.53
C LYS B 226 -25.98 6.98 25.22
N GLU B 227 -24.79 7.55 24.98
CA GLU B 227 -24.55 8.24 23.72
C GLU B 227 -24.46 7.27 22.56
N LEU B 228 -23.77 6.15 22.73
CA LEU B 228 -23.71 5.17 21.65
C LEU B 228 -25.09 4.57 21.40
N ARG B 229 -25.87 4.35 22.46
CA ARG B 229 -27.22 3.85 22.27
C ARG B 229 -28.03 4.81 21.41
N GLU B 230 -27.86 6.12 21.64
CA GLU B 230 -28.65 7.10 20.90
C GLU B 230 -28.37 7.05 19.41
N ARG B 231 -27.09 7.03 19.02
CA ARG B 231 -26.76 6.99 17.60
C ARG B 231 -27.22 5.69 16.95
N VAL B 232 -27.11 4.57 17.66
CA VAL B 232 -27.51 3.30 17.08
C VAL B 232 -28.99 3.31 16.75
N LEU B 233 -29.82 3.92 17.59
CA LEU B 233 -31.26 3.87 17.37
C LEU B 233 -31.72 4.78 16.24
N ARG B 234 -31.05 5.92 16.05
CA ARG B 234 -31.35 6.76 14.89
C ARG B 234 -30.81 6.14 13.61
N GLY B 235 -29.79 5.30 13.73
CA GLY B 235 -29.36 4.48 12.62
C GLY B 235 -28.76 5.25 11.47
N LYS B 236 -28.30 6.47 11.71
CA LYS B 236 -27.69 7.27 10.65
C LYS B 236 -26.20 7.28 10.86
N TYR B 237 -25.46 7.07 9.77
CA TYR B 237 -24.01 6.98 9.79
C TYR B 237 -23.45 7.93 8.74
N ARG B 238 -22.16 8.20 8.82
CA ARG B 238 -21.52 9.13 7.92
C ARG B 238 -21.03 8.41 6.67
N ILE B 239 -21.41 8.91 5.51
CA ILE B 239 -20.98 8.32 4.24
C ILE B 239 -19.83 9.13 3.69
N PRO B 240 -18.59 8.62 3.73
CA PRO B 240 -17.44 9.41 3.32
C PRO B 240 -17.43 9.58 1.80
N PHE B 241 -16.66 10.57 1.36
CA PHE B 241 -16.60 10.90 -0.07
C PHE B 241 -16.03 9.74 -0.88
N TYR B 242 -15.07 9.00 -0.31
CA TYR B 242 -14.35 7.95 -1.02
C TYR B 242 -15.14 6.64 -1.11
N MET B 243 -16.38 6.60 -0.63
CA MET B 243 -17.09 5.34 -0.65
C MET B 243 -17.97 5.24 -1.88
N SER B 244 -17.90 4.09 -2.53
CA SER B 244 -18.67 3.84 -3.74
C SER B 244 -20.17 3.84 -3.42
N THR B 245 -20.95 4.33 -4.40
CA THR B 245 -22.39 4.12 -4.39
C THR B 245 -22.74 2.68 -4.05
N ASP B 246 -22.03 1.73 -4.67
CA ASP B 246 -22.29 0.31 -4.48
C ASP B 246 -22.15 -0.09 -3.02
N CYS B 247 -21.07 0.34 -2.36
CA CYS B 247 -20.88 -0.03 -0.96
C CYS B 247 -21.95 0.57 -0.07
N GLU B 248 -22.37 1.80 -0.35
CA GLU B 248 -23.44 2.41 0.44
C GLU B 248 -24.77 1.71 0.18
N ASN B 249 -24.89 1.06 -0.98
CA ASN B 249 -26.08 0.26 -1.28
C ASN B 249 -26.09 -1.04 -0.47
N LEU B 250 -24.90 -1.55 -0.11
CA LEU B 250 -24.82 -2.72 0.77
C LEU B 250 -25.18 -2.36 2.19
N LEU B 251 -24.63 -1.25 2.70
CA LEU B 251 -24.96 -0.85 4.04
C LEU B 251 -26.44 -0.50 4.15
N LYS B 252 -27.06 -0.06 3.04
CA LYS B 252 -28.50 0.12 3.07
C LYS B 252 -29.28 -1.20 3.06
N LYS B 253 -28.58 -2.34 3.00
CA LYS B 253 -29.21 -3.64 3.20
C LYS B 253 -28.84 -4.32 4.51
N LEU B 254 -27.72 -3.93 5.13
CA LEU B 254 -27.27 -4.50 6.40
C LEU B 254 -27.75 -3.67 7.60
N LEU B 255 -27.50 -2.36 7.61
CA LEU B 255 -27.90 -1.49 8.71
C LEU B 255 -29.26 -0.84 8.42
N VAL B 256 -30.27 -1.70 8.31
CA VAL B 256 -31.66 -1.28 8.20
C VAL B 256 -32.27 -1.30 9.59
N LEU B 257 -32.92 -0.21 9.99
CA LEU B 257 -33.48 -0.16 11.35
C LEU B 257 -34.55 -1.23 11.54
N ASN B 258 -35.30 -1.58 10.49
CA ASN B 258 -36.40 -2.53 10.65
C ASN B 258 -35.92 -3.94 10.35
N PRO B 259 -35.99 -4.88 11.32
CA PRO B 259 -35.36 -6.19 11.14
C PRO B 259 -35.97 -7.04 10.01
N ILE B 260 -37.22 -6.79 9.63
CA ILE B 260 -37.80 -7.51 8.49
C ILE B 260 -37.18 -7.02 7.18
N LYS B 261 -36.92 -5.70 7.07
CA LYS B 261 -36.38 -5.11 5.84
C LYS B 261 -34.88 -5.35 5.66
N ARG B 262 -34.19 -5.84 6.67
CA ARG B 262 -32.79 -6.17 6.49
C ARG B 262 -32.72 -7.42 5.65
N GLY B 263 -31.76 -7.48 4.75
CA GLY B 263 -31.57 -8.64 3.92
C GLY B 263 -31.22 -9.85 4.74
N SER B 264 -31.50 -11.00 4.16
CA SER B 264 -30.94 -12.23 4.66
C SER B 264 -29.64 -12.45 3.90
N LEU B 265 -28.70 -13.18 4.52
CA LEU B 265 -27.40 -13.30 3.88
C LEU B 265 -27.52 -13.97 2.51
N GLU B 266 -28.55 -14.80 2.31
CA GLU B 266 -28.80 -15.36 0.98
C GLU B 266 -28.96 -14.25 -0.05
N GLN B 267 -29.72 -13.20 0.28
CA GLN B 267 -29.86 -12.06 -0.65
C GLN B 267 -28.55 -11.30 -0.78
N ILE B 268 -27.90 -11.04 0.36
CA ILE B 268 -26.64 -10.30 0.36
C ILE B 268 -25.59 -10.98 -0.51
N MET B 269 -25.52 -12.32 -0.50
CA MET B 269 -24.50 -12.98 -1.31
C MET B 269 -24.74 -12.80 -2.80
N LYS B 270 -25.91 -12.27 -3.18
CA LYS B 270 -26.18 -11.91 -4.58
C LYS B 270 -26.30 -10.39 -4.74
N ASP B 271 -25.57 -9.62 -3.93
CA ASP B 271 -25.57 -8.17 -3.98
C ASP B 271 -24.45 -7.65 -4.88
N ARG B 272 -24.71 -6.52 -5.54
CA ARG B 272 -23.78 -5.97 -6.52
C ARG B 272 -22.37 -5.79 -5.95
N TRP B 273 -22.27 -5.09 -4.82
CA TRP B 273 -20.95 -4.76 -4.30
C TRP B 273 -20.14 -5.99 -3.99
N MET B 274 -20.79 -7.07 -3.54
CA MET B 274 -20.09 -8.28 -3.11
C MET B 274 -19.58 -9.14 -4.26
N ASN B 275 -19.83 -8.77 -5.50
CA ASN B 275 -19.39 -9.62 -6.59
C ASN B 275 -18.56 -8.88 -7.63
N VAL B 276 -18.17 -7.63 -7.36
CA VAL B 276 -17.20 -6.97 -8.24
C VAL B 276 -15.91 -7.76 -8.24
N GLY B 277 -15.42 -8.06 -9.44
CA GLY B 277 -14.30 -8.96 -9.60
C GLY B 277 -14.69 -10.42 -9.57
N HIS B 278 -15.97 -10.73 -9.35
CA HIS B 278 -16.45 -12.11 -9.27
C HIS B 278 -17.75 -12.23 -10.06
N GLU B 279 -17.69 -11.82 -11.33
CA GLU B 279 -18.82 -11.85 -12.25
C GLU B 279 -19.02 -13.27 -12.80
N GLU B 280 -17.91 -13.97 -13.03
CA GLU B 280 -17.95 -15.41 -13.30
C GLU B 280 -18.40 -16.20 -12.07
N GLU B 281 -17.58 -16.22 -11.01
CA GLU B 281 -17.84 -17.01 -9.80
C GLU B 281 -18.56 -16.18 -8.75
N GLU B 282 -19.89 -16.26 -8.74
CA GLU B 282 -20.70 -15.54 -7.77
C GLU B 282 -20.72 -16.27 -6.43
N LEU B 283 -20.98 -15.51 -5.38
CA LEU B 283 -21.04 -16.04 -4.03
C LEU B 283 -22.36 -16.78 -3.83
N LYS B 284 -22.27 -18.08 -3.60
CA LYS B 284 -23.42 -18.95 -3.40
C LYS B 284 -23.35 -19.58 -2.02
N PRO B 285 -24.49 -19.97 -1.45
CA PRO B 285 -24.47 -20.64 -0.16
C PRO B 285 -23.55 -21.85 -0.20
N TYR B 286 -22.73 -21.95 0.83
CA TYR B 286 -21.77 -23.03 0.94
C TYR B 286 -22.47 -24.36 1.13
N THR B 287 -21.93 -25.41 0.50
CA THR B 287 -22.46 -26.77 0.59
C THR B 287 -21.50 -27.64 1.38
N GLU B 288 -21.95 -28.16 2.51
CA GLU B 288 -21.09 -28.93 3.39
C GLU B 288 -20.64 -30.22 2.69
N PRO B 289 -19.38 -30.63 2.87
CA PRO B 289 -18.93 -31.90 2.29
C PRO B 289 -19.42 -33.08 3.10
N ASP B 290 -19.10 -34.27 2.60
CA ASP B 290 -19.61 -35.38 3.38
C ASP B 290 -18.55 -35.83 4.37
N PRO B 291 -18.96 -36.24 5.59
CA PRO B 291 -17.98 -36.58 6.61
C PRO B 291 -16.97 -37.61 6.12
N ASP B 292 -15.69 -37.23 6.15
CA ASP B 292 -14.64 -38.13 5.68
C ASP B 292 -13.95 -38.73 6.91
N PHE B 293 -14.72 -39.62 7.54
CA PHE B 293 -14.27 -40.42 8.68
C PHE B 293 -13.89 -41.83 8.24
N ASN B 294 -13.48 -41.98 6.98
CA ASN B 294 -13.10 -43.26 6.41
C ASN B 294 -11.86 -43.16 5.53
N ASP B 295 -10.99 -42.18 5.79
CA ASP B 295 -9.75 -42.06 5.02
C ASP B 295 -8.86 -43.24 5.38
N THR B 296 -8.73 -44.18 4.44
CA THR B 296 -8.05 -45.44 4.72
C THR B 296 -6.58 -45.22 5.04
N LYS B 297 -5.93 -44.30 4.33
CA LYS B 297 -4.55 -43.94 4.64
C LYS B 297 -4.46 -43.46 6.09
N ARG B 298 -5.40 -42.62 6.52
CA ARG B 298 -5.38 -42.13 7.90
C ARG B 298 -5.74 -43.23 8.89
N ILE B 299 -6.80 -44.00 8.61
CA ILE B 299 -7.20 -45.07 9.53
C ILE B 299 -6.05 -46.04 9.73
N ASP B 300 -5.41 -46.44 8.64
CA ASP B 300 -4.26 -47.35 8.73
C ASP B 300 -2.94 -46.65 9.05
N ILE B 301 -2.88 -45.31 8.98
CA ILE B 301 -1.72 -44.62 9.55
C ILE B 301 -1.79 -44.71 11.07
N MET B 302 -3.01 -44.73 11.61
CA MET B 302 -3.20 -44.78 13.06
C MET B 302 -2.61 -46.03 13.68
N VAL B 303 -2.77 -47.18 13.02
CA VAL B 303 -2.42 -48.46 13.64
C VAL B 303 -0.99 -48.46 14.16
N THR B 304 -0.06 -47.87 13.42
CA THR B 304 1.32 -47.83 13.88
C THR B 304 1.54 -46.86 15.04
N MET B 305 0.56 -45.99 15.33
CA MET B 305 0.57 -45.21 16.56
C MET B 305 -0.10 -45.96 17.71
N GLY B 306 -0.59 -47.17 17.46
CA GLY B 306 -1.14 -48.01 18.49
C GLY B 306 -2.64 -48.12 18.56
N PHE B 307 -3.39 -47.78 17.50
CA PHE B 307 -4.83 -47.78 17.65
C PHE B 307 -5.52 -48.90 16.86
N ALA B 308 -6.63 -49.38 17.41
CA ALA B 308 -7.44 -50.44 16.84
C ALA B 308 -8.46 -49.89 15.84
N ARG B 309 -8.90 -50.76 14.93
CA ARG B 309 -9.85 -50.33 13.89
C ARG B 309 -11.25 -50.13 14.46
N ASP B 310 -11.67 -50.96 15.42
CA ASP B 310 -13.00 -50.77 16.01
C ASP B 310 -13.02 -49.55 16.93
N GLU B 311 -11.95 -49.37 17.71
CA GLU B 311 -11.84 -48.19 18.57
C GLU B 311 -11.85 -46.91 17.74
N ILE B 312 -11.15 -46.90 16.60
CA ILE B 312 -11.20 -45.76 15.70
C ILE B 312 -12.61 -45.56 15.15
N ASN B 313 -13.18 -46.63 14.62
CA ASN B 313 -14.48 -46.55 13.96
C ASN B 313 -15.65 -46.09 14.82
N ASP B 314 -15.76 -46.66 15.99
CA ASP B 314 -16.81 -46.28 16.95
C ASP B 314 -16.62 -44.85 17.45
N ALA B 315 -15.38 -44.42 17.61
CA ALA B 315 -15.16 -43.08 18.11
C ALA B 315 -15.70 -42.04 17.15
N LEU B 316 -15.56 -42.29 15.84
CA LEU B 316 -16.03 -41.31 14.86
C LEU B 316 -17.53 -41.39 14.67
N ILE B 317 -18.17 -42.53 14.97
CA ILE B 317 -19.63 -42.50 14.95
C ILE B 317 -20.18 -41.80 16.20
N ASN B 318 -19.46 -41.90 17.34
CA ASN B 318 -19.98 -41.36 18.60
C ASN B 318 -19.84 -39.84 18.70
N GLN B 319 -18.92 -39.27 17.95
CA GLN B 319 -18.64 -37.83 17.93
C GLN B 319 -18.64 -37.20 19.32
N LYS B 320 -17.67 -37.64 20.13
CA LYS B 320 -17.40 -36.97 21.39
C LYS B 320 -16.04 -36.31 21.39
N TYR B 321 -15.39 -36.22 20.23
CA TYR B 321 -14.16 -35.43 20.07
C TYR B 321 -13.12 -35.81 21.11
N ASP B 322 -12.88 -37.11 21.20
CA ASP B 322 -11.90 -37.62 22.13
C ASP B 322 -10.55 -37.68 21.43
N GLU B 323 -9.54 -38.16 22.18
CA GLU B 323 -8.16 -38.13 21.69
C GLU B 323 -8.02 -38.89 20.40
N VAL B 324 -8.73 -40.03 20.25
CA VAL B 324 -8.61 -40.75 18.98
C VAL B 324 -9.28 -39.95 17.87
N MET B 325 -10.46 -39.37 18.12
CA MET B 325 -11.10 -38.51 17.12
C MET B 325 -10.24 -37.31 16.78
N ALA B 326 -9.47 -36.82 17.74
CA ALA B 326 -8.65 -35.64 17.53
C ALA B 326 -7.46 -35.94 16.63
N THR B 327 -6.75 -37.03 16.90
CA THR B 327 -5.61 -37.38 16.06
C THR B 327 -6.07 -37.65 14.64
N TYR B 328 -7.26 -38.22 14.48
CA TYR B 328 -7.76 -38.54 13.15
C TYR B 328 -8.05 -37.28 12.35
N ILE B 329 -8.77 -36.34 12.96
CA ILE B 329 -9.05 -35.06 12.32
C ILE B 329 -7.76 -34.29 12.05
N LEU B 330 -6.86 -34.26 13.03
CA LEU B 330 -5.60 -33.53 12.88
C LEU B 330 -4.69 -34.15 11.84
N LEU B 331 -4.83 -35.45 11.55
CA LEU B 331 -3.98 -36.08 10.54
C LEU B 331 -4.26 -35.57 9.14
N GLY B 332 -5.50 -35.13 8.88
CA GLY B 332 -5.84 -34.59 7.59
C GLY B 332 -5.61 -33.10 7.53
N ARG B 333 -4.56 -32.68 8.20
CA ARG B 333 -4.15 -31.27 8.25
CA ARG B 333 -4.13 -31.28 8.20
C ARG B 333 -2.57 -30.87 8.15
N LYS B 334 -2.37 -29.90 7.29
CA LYS B 334 -0.99 -29.49 7.05
C LYS B 334 -0.12 -29.17 8.26
N PRO B 335 0.88 -29.99 8.58
CA PRO B 335 1.74 -29.73 9.76
C PRO B 335 2.95 -28.81 9.65
N PRO B 336 2.78 -27.49 9.45
CA PRO B 336 4.01 -26.69 9.44
C PRO B 336 4.73 -26.68 10.80
N SER B 359 18.83 -15.42 17.66
CA SER B 359 19.86 -14.46 17.29
C SER B 359 19.59 -13.83 15.91
N LYS B 360 18.67 -14.43 15.16
CA LYS B 360 18.19 -13.93 13.88
C LYS B 360 16.67 -13.88 13.91
N PRO B 361 16.05 -12.76 13.53
CA PRO B 361 14.59 -12.68 13.59
C PRO B 361 13.90 -13.70 12.70
N ARG B 362 12.70 -14.08 13.11
CA ARG B 362 11.92 -15.07 12.39
C ARG B 362 11.34 -14.48 11.13
N SER B 363 11.08 -15.33 10.18
CA SER B 363 10.72 -14.87 8.86
C SER B 363 9.25 -15.25 8.63
N LEU B 364 8.39 -14.23 8.52
CA LEU B 364 6.94 -14.42 8.48
C LEU B 364 6.26 -13.67 7.33
N ARG B 365 5.07 -14.13 7.06
CA ARG B 365 4.24 -13.46 6.12
C ARG B 365 3.33 -12.70 7.06
N PHE B 366 3.48 -11.39 7.12
CA PHE B 366 2.59 -10.57 7.90
C PHE B 366 2.36 -9.25 7.17
N THR B 367 1.30 -8.57 7.56
CA THR B 367 1.08 -7.24 7.04
C THR B 367 2.04 -6.18 7.57
N TRP B 368 3.21 -6.16 6.94
CA TRP B 368 4.20 -5.12 7.18
C TRP B 368 3.76 -3.80 6.55
N SER B 369 4.36 -2.72 7.02
CA SER B 369 4.10 -1.39 6.53
C SER B 369 5.41 -0.61 6.50
N MET B 370 5.52 0.34 5.55
CA MET B 370 6.71 1.17 5.47
C MET B 370 6.93 2.02 6.71
N LYS B 371 5.89 2.21 7.51
CA LYS B 371 6.04 2.95 8.75
C LYS B 371 7.03 2.28 9.68
N THR B 372 7.18 0.94 9.60
CA THR B 372 7.96 0.20 10.59
C THR B 372 9.00 -0.78 10.02
N THR B 373 9.24 -0.82 8.71
CA THR B 373 10.32 -1.65 8.19
C THR B 373 11.59 -0.83 8.15
N SER B 374 12.74 -1.51 8.17
CA SER B 374 13.96 -0.75 8.44
C SER B 374 15.20 -1.53 7.99
N SER B 375 16.31 -0.80 7.88
CA SER B 375 17.62 -1.35 7.59
C SER B 375 18.40 -1.61 8.87
N MET B 376 17.95 -1.03 9.97
CA MET B 376 18.68 -1.01 11.23
C MET B 376 18.89 -2.42 11.76
N ASP B 377 19.95 -2.58 12.55
CA ASP B 377 20.29 -3.85 13.17
C ASP B 377 19.15 -4.28 14.10
N PRO B 378 18.63 -5.51 13.96
CA PRO B 378 17.52 -5.95 14.83
C PRO B 378 17.69 -5.58 16.30
N ASN B 379 18.94 -5.64 16.81
CA ASN B 379 19.17 -5.30 18.21
C ASN B 379 19.01 -3.80 18.45
N ASP B 380 19.31 -2.96 17.46
CA ASP B 380 19.01 -1.55 17.63
C ASP B 380 17.53 -1.24 17.43
N MET B 381 16.81 -2.07 16.67
CA MET B 381 15.35 -1.92 16.61
C MET B 381 14.69 -2.19 17.95
N MET B 382 15.21 -3.13 18.76
CA MET B 382 14.53 -3.41 20.02
C MET B 382 14.82 -2.35 21.08
N ARG B 383 16.03 -1.75 21.05
CA ARG B 383 16.31 -0.63 21.94
C ARG B 383 15.40 0.56 21.63
N GLU B 384 15.09 0.77 20.35
CA GLU B 384 14.20 1.85 19.98
C GLU B 384 12.77 1.49 20.35
N ILE B 385 12.38 0.23 20.16
CA ILE B 385 11.07 -0.24 20.63
C ILE B 385 10.94 -0.07 22.15
N ARG B 386 11.97 -0.45 22.90
CA ARG B 386 11.88 -0.35 24.35
C ARG B 386 11.85 1.10 24.83
N LYS B 387 12.55 1.95 24.10
CA LYS B 387 12.56 3.35 24.41
C LYS B 387 11.19 3.98 24.24
N VAL B 388 10.51 3.63 23.16
CA VAL B 388 9.19 4.20 22.88
C VAL B 388 8.16 3.63 23.85
N LEU B 389 8.32 2.36 24.23
CA LEU B 389 7.42 1.78 25.20
C LEU B 389 7.54 2.47 26.56
N ASP B 390 8.77 2.78 26.99
CA ASP B 390 8.93 3.52 28.22
C ASP B 390 8.22 4.87 28.15
N ALA B 391 8.31 5.54 26.99
CA ALA B 391 7.78 6.89 26.86
C ALA B 391 6.26 6.90 26.81
N ASN B 392 5.64 5.77 26.51
CA ASN B 392 4.19 5.67 26.54
C ASN B 392 3.68 4.96 27.79
N ASN B 393 4.48 4.97 28.86
CA ASN B 393 4.14 4.32 30.13
C ASN B 393 3.58 2.94 29.87
N CYS B 394 4.35 2.15 29.13
CA CYS B 394 4.02 0.77 28.79
C CYS B 394 4.97 -0.17 29.48
N ASP B 395 4.41 -1.24 30.05
CA ASP B 395 5.17 -2.31 30.66
C ASP B 395 5.39 -3.45 29.66
N TYR B 396 6.53 -4.12 29.78
CA TYR B 396 6.88 -5.17 28.84
C TYR B 396 7.77 -6.22 29.49
N GLU B 397 7.84 -7.37 28.85
CA GLU B 397 8.72 -8.45 29.26
C GLU B 397 9.34 -9.02 28.00
N GLN B 398 10.66 -9.16 27.99
CA GLN B 398 11.32 -9.78 26.86
C GLN B 398 11.22 -11.28 26.99
N LYS B 399 10.81 -11.93 25.93
CA LYS B 399 10.59 -13.36 25.92
C LYS B 399 11.60 -14.08 25.03
N GLU B 400 11.89 -13.51 23.87
CA GLU B 400 13.01 -13.93 23.06
C GLU B 400 13.89 -12.71 22.80
N ARG B 401 14.97 -12.92 22.06
CA ARG B 401 15.83 -11.79 21.74
C ARG B 401 15.04 -10.70 21.00
N PHE B 402 14.04 -11.07 20.19
CA PHE B 402 13.36 -10.11 19.31
C PHE B 402 11.85 -10.11 19.51
N LEU B 403 11.38 -10.38 20.73
CA LEU B 403 9.94 -10.48 20.98
C LEU B 403 9.67 -9.91 22.37
N LEU B 404 8.69 -9.02 22.47
CA LEU B 404 8.24 -8.50 23.74
C LEU B 404 6.74 -8.71 23.92
N PHE B 405 6.37 -8.86 25.19
CA PHE B 405 5.00 -8.90 25.63
C PHE B 405 4.71 -7.55 26.29
N CYS B 406 3.67 -6.87 25.87
CA CYS B 406 3.48 -5.49 26.28
C CYS B 406 2.11 -5.32 26.93
N VAL B 407 2.01 -4.34 27.83
CA VAL B 407 0.77 -4.05 28.56
C VAL B 407 0.65 -2.55 28.66
N HIS B 408 -0.58 -2.04 28.51
CA HIS B 408 -0.82 -0.61 28.61
C HIS B 408 -2.29 -0.40 28.94
N GLY B 409 -2.59 0.65 29.69
CA GLY B 409 -3.96 1.04 29.92
C GLY B 409 -4.47 0.71 31.32
N ASP B 410 -5.77 0.93 31.50
CA ASP B 410 -6.44 0.84 32.79
C ASP B 410 -7.75 0.08 32.60
N ALA B 411 -7.94 -1.01 33.35
CA ALA B 411 -9.14 -1.82 33.16
C ALA B 411 -10.37 -1.14 33.73
N ARG B 412 -10.21 -0.09 34.54
CA ARG B 412 -11.34 0.71 34.98
C ARG B 412 -11.91 1.52 33.83
N GLN B 413 -11.03 2.01 32.94
CA GLN B 413 -11.43 2.77 31.78
C GLN B 413 -11.61 1.89 30.54
N ASP B 414 -11.70 0.56 30.71
CA ASP B 414 -11.83 -0.38 29.61
C ASP B 414 -10.74 -0.17 28.56
N SER B 415 -9.53 0.15 29.04
CA SER B 415 -8.46 0.52 28.13
C SER B 415 -7.21 -0.33 28.28
N LEU B 416 -7.22 -1.34 29.15
CA LEU B 416 -6.06 -2.20 29.32
C LEU B 416 -5.96 -3.18 28.17
N VAL B 417 -4.75 -3.32 27.61
CA VAL B 417 -4.53 -4.14 26.43
C VAL B 417 -3.16 -4.79 26.55
N GLN B 418 -3.05 -6.01 26.10
CA GLN B 418 -1.77 -6.69 26.02
C GLN B 418 -1.55 -7.16 24.60
N TRP B 419 -0.30 -7.13 24.16
CA TRP B 419 -0.01 -7.46 22.78
C TRP B 419 1.45 -7.84 22.68
N GLU B 420 1.76 -8.61 21.64
CA GLU B 420 3.13 -8.95 21.29
C GLU B 420 3.63 -7.97 20.25
N MET B 421 4.93 -7.70 20.29
CA MET B 421 5.61 -7.03 19.18
C MET B 421 6.88 -7.80 18.92
N GLU B 422 7.11 -8.19 17.67
CA GLU B 422 8.39 -8.81 17.36
C GLU B 422 8.97 -8.33 16.04
N VAL B 423 10.29 -8.22 16.03
CA VAL B 423 11.06 -7.92 14.84
C VAL B 423 11.10 -9.17 13.96
N CYS B 424 10.47 -9.08 12.79
CA CYS B 424 10.52 -10.16 11.82
C CYS B 424 11.13 -9.62 10.53
N SER B 425 11.90 -10.49 9.87
CA SER B 425 12.47 -10.26 8.56
C SER B 425 11.38 -10.31 7.49
N LEU B 426 11.65 -9.64 6.37
CA LEU B 426 10.79 -9.63 5.19
C LEU B 426 11.50 -10.26 3.99
N PRO B 427 10.75 -10.57 2.87
CA PRO B 427 11.38 -11.35 1.78
C PRO B 427 12.34 -10.54 0.91
N SER B 428 13.41 -10.05 1.54
CA SER B 428 14.53 -9.46 0.83
C SER B 428 15.76 -9.53 1.73
N LEU B 429 16.85 -8.90 1.31
CA LEU B 429 18.14 -8.95 1.99
C LEU B 429 18.25 -7.77 2.96
N SER B 430 18.14 -8.06 4.26
CA SER B 430 18.38 -7.10 5.34
C SER B 430 17.23 -6.11 5.56
N LEU B 431 15.98 -6.56 5.41
CA LEU B 431 14.84 -5.76 5.85
C LEU B 431 14.13 -6.46 7.01
N ASN B 432 13.79 -5.69 8.04
CA ASN B 432 13.05 -6.20 9.20
C ASN B 432 11.91 -5.26 9.51
N GLY B 433 10.78 -5.84 9.93
CA GLY B 433 9.62 -5.06 10.31
C GLY B 433 9.25 -5.33 11.76
N VAL B 434 8.19 -4.67 12.19
CA VAL B 434 7.68 -4.85 13.54
C VAL B 434 6.25 -5.36 13.43
N ARG B 435 6.03 -6.57 13.91
CA ARG B 435 4.72 -7.20 13.91
C ARG B 435 4.04 -7.01 15.26
N PHE B 436 2.81 -6.53 15.22
CA PHE B 436 1.96 -6.36 16.38
C PHE B 436 0.89 -7.42 16.33
N LYS B 437 0.63 -8.05 17.47
CA LYS B 437 -0.42 -9.05 17.62
C LYS B 437 -1.11 -8.78 18.94
N ARG B 438 -2.41 -8.52 18.89
CA ARG B 438 -3.16 -8.22 20.10
C ARG B 438 -3.41 -9.52 20.86
N ILE B 439 -3.16 -9.53 22.16
CA ILE B 439 -3.39 -10.72 22.99
C ILE B 439 -4.68 -10.58 23.80
N SER B 440 -4.93 -9.39 24.34
CA SER B 440 -6.15 -9.14 25.09
C SER B 440 -6.45 -7.65 25.06
N GLY B 441 -7.71 -7.32 25.25
CA GLY B 441 -8.16 -5.95 25.20
C GLY B 441 -9.03 -5.70 23.98
N THR B 442 -9.65 -4.53 24.00
CA THR B 442 -10.51 -4.16 22.89
C THR B 442 -9.67 -3.84 21.65
N SER B 443 -10.22 -4.09 20.47
CA SER B 443 -9.48 -3.77 19.25
C SER B 443 -9.26 -2.26 19.14
N ILE B 444 -10.27 -1.46 19.52
CA ILE B 444 -10.10 0.00 19.52
C ILE B 444 -8.87 0.38 20.33
N ALA B 445 -8.74 -0.16 21.55
CA ALA B 445 -7.62 0.22 22.40
C ALA B 445 -6.32 -0.33 21.89
N PHE B 446 -6.33 -1.50 21.28
CA PHE B 446 -5.12 -2.03 20.68
C PHE B 446 -4.65 -1.12 19.56
N LYS B 447 -5.57 -0.72 18.69
CA LYS B 447 -5.23 0.11 17.53
C LYS B 447 -4.69 1.47 17.98
N ASN B 448 -5.27 2.06 19.03
CA ASN B 448 -4.77 3.34 19.54
C ASN B 448 -3.31 3.22 19.96
N ILE B 449 -2.99 2.22 20.81
CA ILE B 449 -1.65 2.13 21.39
C ILE B 449 -0.63 1.61 20.38
N ALA B 450 -1.04 0.68 19.50
CA ALA B 450 -0.11 0.18 18.50
C ALA B 450 0.20 1.21 17.41
N SER B 451 -0.82 1.97 16.97
CA SER B 451 -0.61 3.05 16.00
C SER B 451 0.35 4.10 16.53
N LYS B 452 0.10 4.57 17.75
CA LYS B 452 0.92 5.63 18.33
C LYS B 452 2.35 5.16 18.51
N ILE B 453 2.56 3.87 18.77
CA ILE B 453 3.91 3.33 18.90
C ILE B 453 4.60 3.29 17.54
N ALA B 454 3.90 2.80 16.54
CA ALA B 454 4.51 2.69 15.23
C ALA B 454 4.86 4.08 14.67
N ASN B 455 3.98 5.07 14.91
CA ASN B 455 4.28 6.43 14.44
C ASN B 455 5.51 7.00 15.07
N GLU B 456 5.84 6.60 16.30
CA GLU B 456 6.92 7.25 17.02
C GLU B 456 8.21 6.45 16.97
N LEU B 457 8.20 5.28 16.36
CA LEU B 457 9.43 4.51 16.25
C LEU B 457 10.33 5.20 15.26
N LYS B 458 11.57 5.43 15.67
CA LYS B 458 12.58 6.00 14.79
C LYS B 458 13.45 4.82 14.37
N LEU B 459 13.06 4.17 13.29
CA LEU B 459 13.77 3.00 12.80
C LEU B 459 14.28 3.29 11.42
#